data_3O0Q
#
_entry.id   3O0Q
#
_cell.length_a   119.120
_cell.length_b   124.380
_cell.length_c   106.820
_cell.angle_alpha   90.00
_cell.angle_beta   103.43
_cell.angle_gamma   90.00
#
_symmetry.space_group_name_H-M   'C 1 2 1'
#
loop_
_entity.id
_entity.type
_entity.pdbx_description
1 polymer 'Ribonucleoside-diphosphate reductase'
2 non-polymer "THYMIDINE-5'-TRIPHOSPHATE"
3 non-polymer 'MAGNESIUM ION'
4 non-polymer "GUANOSINE-5'-DIPHOSPHATE"
5 non-polymer ADENOSINE
6 non-polymer 'CHLORIDE ION'
7 water water
#
_entity_poly.entity_id   1
_entity_poly.type   'polypeptide(L)'
_entity_poly.pdbx_seq_one_letter_code
;MKLSDLISRWIDVEPSKNAQIILRDRYFMKDLDGNYLETKWEDVARRVARVVATAELLNPSYKKNEKLDRIKEWEDIFFR
VLKARLFIPNSPTLFNAGLGVKHDLLWKPIDQMTLEDYEEIYRSRNHLHMLSACFVVPVGDSIEEIFEAVKEYALITKVG
GGVGSNFSELRPKGSFVAGTHGKASGPVSFMHVFNSAISVVKQGSRRRGALMGILNINHPDIEEFIDAKKENTGEAVLNF
FNLSVGFPMDKKEILKLYEEDGELELSHPRSTIRKKVKIRELFRKIATNAWKSGDPGLAFLGEMNKYYPLYPHRKINSTN
PCGEIGLSDYEACNLGSIDVAKFYNNGFVDLEALQELVQIAVRFLDNVIDVNVFPIDKITKAVKESRRLGLGIMGFADLL
YKLEIPYNSQEARDFAANLMAFIALHAHRTSYELGKEKGNFPLLEISRYRTEDNFVPFAMGMSNYDDEIREVMKMTKEFR
RNVALLTIAPTGSISNIADTSSGLEPNFLLAYTRFVTKEDGTKEPLLYVNQVLREKLNPEILKRIEKELIEKGSLKDIPD
VPEKIKKVFVVALDIDPMDHLLMQDAFQRYVDNNISKTINMPQSATVDDVLNVYLEALRTNVRGITVYRDGSLQTQVLTK
ALKT
;
_entity_poly.pdbx_strand_id   A,B
#
# COMPACT_ATOMS: atom_id res chain seq x y z
N MET A 1 -54.09 -2.06 6.39
CA MET A 1 -54.35 -3.01 5.32
C MET A 1 -53.25 -4.06 5.25
N LYS A 2 -53.54 -5.17 4.59
CA LYS A 2 -52.55 -6.21 4.38
C LYS A 2 -51.44 -5.69 3.48
N LEU A 3 -50.24 -6.21 3.68
CA LEU A 3 -49.08 -5.82 2.89
C LEU A 3 -49.36 -6.09 1.40
N SER A 4 -50.03 -7.22 1.13
CA SER A 4 -50.38 -7.58 -0.24
C SER A 4 -51.16 -6.47 -0.96
N ASP A 5 -52.06 -5.81 -0.24
CA ASP A 5 -52.84 -4.70 -0.81
C ASP A 5 -51.94 -3.51 -1.12
N LEU A 6 -51.03 -3.19 -0.21
CA LEU A 6 -50.11 -2.09 -0.42
C LEU A 6 -49.13 -2.36 -1.57
N ILE A 7 -48.68 -3.61 -1.70
CA ILE A 7 -47.86 -3.99 -2.84
C ILE A 7 -48.58 -3.70 -4.16
N SER A 8 -49.86 -4.04 -4.23
CA SER A 8 -50.67 -3.83 -5.44
C SER A 8 -50.74 -2.36 -5.85
N ARG A 9 -50.78 -1.47 -4.86
CA ARG A 9 -50.85 -0.03 -5.14
C ARG A 9 -49.54 0.52 -5.70
N TRP A 10 -48.44 -0.19 -5.47
CA TRP A 10 -47.12 0.36 -5.79
C TRP A 10 -46.36 -0.42 -6.85
N ILE A 11 -46.70 -1.69 -7.03
CA ILE A 11 -45.87 -2.60 -7.82
C ILE A 11 -45.82 -2.22 -9.30
N ASP A 12 -46.90 -1.61 -9.80
CA ASP A 12 -46.94 -1.23 -11.20
C ASP A 12 -46.58 0.24 -11.39
N VAL A 13 -46.14 0.88 -10.32
CA VAL A 13 -45.63 2.24 -10.41
C VAL A 13 -44.14 2.22 -10.72
N GLU A 14 -43.75 2.75 -11.87
CA GLU A 14 -42.35 2.71 -12.30
C GLU A 14 -41.55 3.86 -11.68
N PRO A 15 -40.24 3.67 -11.54
CA PRO A 15 -39.45 4.76 -10.97
C PRO A 15 -39.47 6.00 -11.87
N SER A 16 -39.36 7.17 -11.26
CA SER A 16 -39.24 8.43 -11.98
C SER A 16 -38.15 8.35 -13.04
N LYS A 17 -38.24 9.24 -14.03
CA LYS A 17 -37.20 9.36 -15.03
C LYS A 17 -35.86 9.66 -14.36
N ASN A 18 -35.90 10.46 -13.30
CA ASN A 18 -34.68 10.78 -12.56
C ASN A 18 -34.01 9.54 -11.99
N ALA A 19 -34.82 8.69 -11.36
CA ALA A 19 -34.32 7.42 -10.83
C ALA A 19 -33.78 6.50 -11.94
N GLN A 20 -34.46 6.49 -13.09
CA GLN A 20 -34.08 5.61 -14.19
C GLN A 20 -32.70 5.97 -14.74
N ILE A 21 -32.36 7.25 -14.67
CA ILE A 21 -31.03 7.71 -15.08
C ILE A 21 -29.98 7.06 -14.19
N ILE A 22 -30.25 7.09 -12.89
CA ILE A 22 -29.35 6.52 -11.90
C ILE A 22 -29.20 5.02 -12.12
N LEU A 23 -30.33 4.34 -12.32
CA LEU A 23 -30.31 2.90 -12.55
C LEU A 23 -29.51 2.52 -13.79
N ARG A 24 -29.79 3.19 -14.89
CA ARG A 24 -29.08 2.89 -16.14
CA ARG A 24 -29.09 2.88 -16.14
C ARG A 24 -27.58 3.15 -15.99
N ASP A 25 -27.25 4.22 -15.29
CA ASP A 25 -25.86 4.60 -15.09
C ASP A 25 -25.02 3.58 -14.31
N ARG A 26 -25.56 2.99 -13.25
CA ARG A 26 -24.72 2.10 -12.45
C ARG A 26 -25.37 0.92 -11.73
N TYR A 27 -26.67 0.73 -11.91
CA TYR A 27 -27.32 -0.44 -11.31
C TYR A 27 -27.62 -1.58 -12.30
N PHE A 28 -28.10 -1.24 -13.48
CA PHE A 28 -28.37 -2.25 -14.50
C PHE A 28 -27.12 -3.05 -14.87
N MET A 29 -27.22 -4.37 -14.79
CA MET A 29 -26.09 -5.25 -15.08
C MET A 29 -25.80 -5.29 -16.57
N LYS A 30 -24.52 -5.40 -16.91
CA LYS A 30 -24.11 -5.53 -18.31
C LYS A 30 -23.23 -6.77 -18.49
N ASP A 31 -23.16 -7.27 -19.73
CA ASP A 31 -22.26 -8.37 -20.04
C ASP A 31 -20.87 -7.81 -20.30
N LEU A 32 -19.90 -8.67 -20.50
CA LEU A 32 -18.52 -8.24 -20.71
C LEU A 32 -18.38 -7.29 -21.88
N ASP A 33 -19.29 -7.37 -22.84
CA ASP A 33 -19.25 -6.51 -24.02
C ASP A 33 -19.80 -5.12 -23.75
N GLY A 34 -20.49 -4.96 -22.63
CA GLY A 34 -21.05 -3.67 -22.27
C GLY A 34 -22.52 -3.55 -22.62
N ASN A 35 -23.07 -4.58 -23.24
CA ASN A 35 -24.49 -4.63 -23.54
C ASN A 35 -25.31 -4.78 -22.27
N TYR A 36 -26.43 -4.08 -22.18
CA TYR A 36 -27.31 -4.20 -21.03
C TYR A 36 -27.93 -5.59 -20.93
N LEU A 37 -27.86 -6.19 -19.75
CA LEU A 37 -28.56 -7.43 -19.47
C LEU A 37 -29.87 -7.11 -18.76
N GLU A 38 -29.95 -5.88 -18.25
CA GLU A 38 -31.13 -5.37 -17.57
C GLU A 38 -31.45 -3.99 -18.12
N THR A 39 -32.74 -3.67 -18.28
CA THR A 39 -33.15 -2.38 -18.79
C THR A 39 -34.29 -1.74 -18.01
N LYS A 40 -34.82 -2.47 -17.03
CA LYS A 40 -35.89 -1.98 -16.16
C LYS A 40 -35.62 -2.35 -14.71
N TRP A 41 -36.14 -1.53 -13.79
CA TRP A 41 -35.98 -1.81 -12.36
C TRP A 41 -36.44 -3.22 -11.98
N GLU A 42 -37.52 -3.69 -12.60
CA GLU A 42 -38.02 -5.03 -12.29
C GLU A 42 -37.00 -6.14 -12.63
N ASP A 43 -36.08 -5.85 -13.54
CA ASP A 43 -35.04 -6.83 -13.86
C ASP A 43 -34.09 -6.97 -12.67
N VAL A 44 -33.70 -5.83 -12.09
CA VAL A 44 -32.88 -5.82 -10.88
C VAL A 44 -33.60 -6.52 -9.74
N ALA A 45 -34.88 -6.24 -9.57
CA ALA A 45 -35.65 -6.85 -8.49
C ALA A 45 -35.68 -8.37 -8.61
N ARG A 46 -35.79 -8.85 -9.86
CA ARG A 46 -35.83 -10.28 -10.14
C ARG A 46 -34.52 -10.95 -9.74
N ARG A 47 -33.42 -10.43 -10.27
CA ARG A 47 -32.09 -10.95 -9.98
C ARG A 47 -31.81 -10.96 -8.47
N VAL A 48 -32.03 -9.82 -7.82
CA VAL A 48 -31.72 -9.69 -6.40
C VAL A 48 -32.59 -10.61 -5.55
N ALA A 49 -33.89 -10.62 -5.84
CA ALA A 49 -34.82 -11.49 -5.14
C ALA A 49 -34.42 -12.96 -5.26
N ARG A 50 -34.07 -13.37 -6.48
CA ARG A 50 -33.72 -14.76 -6.73
C ARG A 50 -32.46 -15.17 -5.98
N VAL A 51 -31.46 -14.28 -5.97
CA VAL A 51 -30.18 -14.58 -5.33
C VAL A 51 -30.28 -14.71 -3.82
N VAL A 52 -31.08 -13.84 -3.20
CA VAL A 52 -31.23 -13.81 -1.75
C VAL A 52 -32.16 -14.92 -1.28
N ALA A 53 -33.15 -15.27 -2.11
CA ALA A 53 -34.03 -16.40 -1.84
C ALA A 53 -33.26 -17.73 -1.86
N THR A 54 -32.20 -17.77 -2.66
CA THR A 54 -31.36 -18.95 -2.78
C THR A 54 -30.80 -19.39 -1.41
N ALA A 55 -30.65 -18.43 -0.51
CA ALA A 55 -30.16 -18.72 0.84
C ALA A 55 -31.04 -19.72 1.59
N GLU A 56 -32.31 -19.84 1.18
CA GLU A 56 -33.24 -20.77 1.83
C GLU A 56 -32.86 -22.22 1.58
N LEU A 57 -31.93 -22.43 0.64
CA LEU A 57 -31.39 -23.75 0.39
C LEU A 57 -30.82 -24.30 1.69
N LEU A 58 -30.34 -23.38 2.54
CA LEU A 58 -29.61 -23.76 3.75
C LEU A 58 -30.51 -23.92 4.97
N ASN A 59 -31.81 -23.67 4.81
CA ASN A 59 -32.76 -23.70 5.93
C ASN A 59 -32.99 -25.14 6.40
N PRO A 60 -32.59 -25.45 7.63
CA PRO A 60 -32.68 -26.80 8.19
C PRO A 60 -34.12 -27.21 8.53
N SER A 61 -35.05 -26.27 8.52
CA SER A 61 -36.44 -26.56 8.87
C SER A 61 -37.24 -27.12 7.69
N TYR A 62 -36.64 -27.11 6.51
CA TYR A 62 -37.34 -27.51 5.29
C TYR A 62 -37.05 -28.96 4.90
N LYS A 63 -38.10 -29.70 4.56
CA LYS A 63 -37.94 -31.02 3.97
C LYS A 63 -37.68 -30.84 2.48
N LYS A 64 -36.87 -31.71 1.89
CA LYS A 64 -36.53 -31.56 0.48
C LYS A 64 -37.76 -31.64 -0.43
N ASN A 65 -38.83 -32.25 0.08
CA ASN A 65 -40.07 -32.35 -0.69
C ASN A 65 -40.79 -31.02 -0.80
N GLU A 66 -40.32 -30.01 -0.08
CA GLU A 66 -40.95 -28.70 -0.06
C GLU A 66 -39.96 -27.58 -0.35
N LYS A 67 -38.68 -27.90 -0.42
CA LYS A 67 -37.66 -26.87 -0.57
C LYS A 67 -37.85 -25.98 -1.80
N LEU A 68 -38.13 -26.58 -2.95
CA LEU A 68 -38.40 -25.79 -4.15
C LEU A 68 -39.54 -24.82 -3.90
N ASP A 69 -40.64 -25.35 -3.37
CA ASP A 69 -41.84 -24.56 -3.08
C ASP A 69 -41.53 -23.36 -2.19
N ARG A 70 -40.87 -23.61 -1.07
CA ARG A 70 -40.51 -22.54 -0.13
C ARG A 70 -39.63 -21.48 -0.78
N ILE A 71 -38.59 -21.91 -1.48
CA ILE A 71 -37.68 -20.97 -2.12
C ILE A 71 -38.42 -20.07 -3.11
N LYS A 72 -39.30 -20.67 -3.92
CA LYS A 72 -40.07 -19.91 -4.89
C LYS A 72 -40.95 -18.89 -4.19
N GLU A 73 -41.52 -19.27 -3.05
CA GLU A 73 -42.38 -18.38 -2.30
C GLU A 73 -41.63 -17.16 -1.79
N TRP A 74 -40.42 -17.37 -1.26
CA TRP A 74 -39.61 -16.26 -0.78
C TRP A 74 -39.10 -15.37 -1.93
N GLU A 75 -38.67 -15.97 -3.02
CA GLU A 75 -38.27 -15.18 -4.18
C GLU A 75 -39.42 -14.27 -4.59
N ASP A 76 -40.62 -14.85 -4.69
CA ASP A 76 -41.79 -14.07 -5.09
C ASP A 76 -42.06 -12.89 -4.15
N ILE A 77 -42.02 -13.14 -2.84
CA ILE A 77 -42.28 -12.07 -1.88
C ILE A 77 -41.17 -11.02 -1.92
N PHE A 78 -39.92 -11.47 -1.94
CA PHE A 78 -38.79 -10.53 -2.06
C PHE A 78 -38.98 -9.69 -3.32
N PHE A 79 -39.29 -10.34 -4.44
CA PHE A 79 -39.44 -9.67 -5.71
C PHE A 79 -40.50 -8.57 -5.65
N ARG A 80 -41.66 -8.92 -5.11
CA ARG A 80 -42.77 -7.97 -4.99
C ARG A 80 -42.41 -6.72 -4.19
N VAL A 81 -41.80 -6.90 -3.03
CA VAL A 81 -41.48 -5.76 -2.18
C VAL A 81 -40.37 -4.89 -2.75
N LEU A 82 -39.43 -5.51 -3.45
CA LEU A 82 -38.35 -4.79 -4.13
C LEU A 82 -38.90 -4.03 -5.33
N LYS A 83 -39.69 -4.70 -6.16
CA LYS A 83 -40.26 -4.08 -7.34
C LYS A 83 -41.12 -2.89 -6.94
N ALA A 84 -41.93 -3.08 -5.91
CA ALA A 84 -42.79 -2.00 -5.41
C ALA A 84 -41.97 -0.88 -4.79
N ARG A 85 -40.69 -1.16 -4.52
CA ARG A 85 -39.80 -0.22 -3.84
C ARG A 85 -40.30 0.15 -2.44
N LEU A 86 -40.87 -0.82 -1.76
CA LEU A 86 -41.28 -0.66 -0.37
C LEU A 86 -40.09 -0.84 0.57
N PHE A 87 -39.19 -1.74 0.16
CA PHE A 87 -37.93 -2.02 0.84
C PHE A 87 -36.84 -2.21 -0.21
N ILE A 88 -35.67 -1.62 0.01
CA ILE A 88 -34.54 -1.76 -0.90
C ILE A 88 -33.24 -1.94 -0.11
N PRO A 89 -32.44 -2.97 -0.47
CA PRO A 89 -31.15 -3.23 0.20
C PRO A 89 -30.06 -2.23 -0.17
N ASN A 90 -28.99 -2.14 0.64
CA ASN A 90 -27.87 -1.28 0.28
C ASN A 90 -27.33 -1.53 -1.14
N SER A 91 -26.75 -0.49 -1.73
CA SER A 91 -26.33 -0.55 -3.14
C SER A 91 -25.51 -1.78 -3.53
N PRO A 92 -24.54 -2.18 -2.69
CA PRO A 92 -23.73 -3.33 -3.11
C PRO A 92 -24.56 -4.59 -3.31
N THR A 93 -25.67 -4.75 -2.59
CA THR A 93 -26.54 -5.88 -2.85
C THR A 93 -27.14 -5.79 -4.26
N LEU A 94 -27.55 -4.59 -4.66
CA LEU A 94 -28.09 -4.38 -6.00
C LEU A 94 -27.03 -4.48 -7.09
N PHE A 95 -25.83 -3.95 -6.81
CA PHE A 95 -24.72 -4.01 -7.78
C PHE A 95 -24.27 -5.44 -8.04
N ASN A 96 -24.10 -6.21 -6.96
CA ASN A 96 -23.26 -7.40 -7.01
C ASN A 96 -23.98 -8.74 -6.94
N ALA A 97 -25.26 -8.70 -6.60
CA ALA A 97 -26.04 -9.93 -6.54
C ALA A 97 -25.98 -10.65 -7.89
N GLY A 98 -25.60 -11.92 -7.89
CA GLY A 98 -25.57 -12.69 -9.12
C GLY A 98 -24.25 -12.74 -9.87
N LEU A 99 -23.27 -11.94 -9.49
CA LEU A 99 -21.95 -12.00 -10.15
C LEU A 99 -21.39 -13.41 -10.08
N GLY A 100 -20.98 -13.96 -11.22
CA GLY A 100 -20.46 -15.31 -11.29
C GLY A 100 -21.47 -16.30 -11.83
N VAL A 101 -22.76 -15.94 -11.74
CA VAL A 101 -23.83 -16.85 -12.12
C VAL A 101 -24.13 -16.76 -13.62
N LYS A 102 -24.38 -17.91 -14.24
CA LYS A 102 -24.72 -17.93 -15.66
C LYS A 102 -25.92 -17.01 -15.87
N HIS A 103 -25.87 -16.20 -16.92
CA HIS A 103 -26.93 -15.21 -17.17
C HIS A 103 -28.30 -15.82 -17.42
N ASP A 104 -28.34 -17.07 -17.87
CA ASP A 104 -29.61 -17.71 -18.19
C ASP A 104 -30.38 -18.16 -16.95
N LEU A 105 -29.81 -17.92 -15.77
CA LEU A 105 -30.46 -18.29 -14.52
C LEU A 105 -31.02 -17.09 -13.75
N LEU A 106 -30.40 -15.93 -13.91
CA LEU A 106 -30.74 -14.78 -13.08
C LEU A 106 -32.11 -14.16 -13.36
N TRP A 107 -32.59 -14.25 -14.60
CA TRP A 107 -33.83 -13.57 -14.98
C TRP A 107 -34.93 -14.45 -15.58
N LYS A 108 -34.66 -15.73 -15.80
CA LYS A 108 -35.68 -16.58 -16.41
C LYS A 108 -36.92 -16.67 -15.52
N PRO A 109 -38.08 -16.98 -16.10
CA PRO A 109 -39.32 -17.02 -15.31
C PRO A 109 -39.21 -17.97 -14.14
N ILE A 110 -39.75 -17.57 -12.99
CA ILE A 110 -39.64 -18.34 -11.76
C ILE A 110 -40.31 -19.71 -11.84
N ASP A 111 -41.20 -19.90 -12.81
CA ASP A 111 -41.89 -21.18 -12.94
C ASP A 111 -41.02 -22.18 -13.69
N GLN A 112 -39.90 -21.70 -14.21
CA GLN A 112 -38.96 -22.55 -14.93
C GLN A 112 -37.78 -22.91 -14.02
N MET A 113 -37.84 -22.46 -12.78
CA MET A 113 -36.76 -22.72 -11.82
C MET A 113 -36.90 -24.07 -11.16
N THR A 114 -35.82 -24.85 -11.16
CA THR A 114 -35.78 -26.14 -10.48
C THR A 114 -34.86 -26.02 -9.29
N LEU A 115 -34.89 -27.01 -8.41
CA LEU A 115 -33.98 -27.03 -7.27
C LEU A 115 -32.52 -26.99 -7.73
N GLU A 116 -32.21 -27.74 -8.79
CA GLU A 116 -30.86 -27.72 -9.33
C GLU A 116 -30.44 -26.33 -9.76
N ASP A 117 -31.39 -25.57 -10.31
CA ASP A 117 -31.13 -24.20 -10.72
C ASP A 117 -30.67 -23.33 -9.54
N TYR A 118 -31.34 -23.47 -8.41
CA TYR A 118 -30.97 -22.70 -7.22
C TYR A 118 -29.64 -23.15 -6.64
N GLU A 119 -29.41 -24.46 -6.62
CA GLU A 119 -28.12 -24.99 -6.15
C GLU A 119 -27.00 -24.46 -7.04
N GLU A 120 -27.31 -24.25 -8.31
CA GLU A 120 -26.28 -23.77 -9.24
C GLU A 120 -25.97 -22.31 -8.95
N ILE A 121 -27.02 -21.52 -8.74
CA ILE A 121 -26.82 -20.13 -8.33
C ILE A 121 -25.95 -20.08 -7.09
N TYR A 122 -26.31 -20.86 -6.08
CA TYR A 122 -25.56 -20.88 -4.83
C TYR A 122 -24.08 -21.22 -5.06
N ARG A 123 -23.80 -22.18 -5.93
CA ARG A 123 -22.42 -22.63 -6.18
C ARG A 123 -21.54 -21.63 -6.94
N SER A 124 -22.15 -20.80 -7.77
CA SER A 124 -21.37 -20.05 -8.76
C SER A 124 -21.19 -18.56 -8.42
N ARG A 125 -21.63 -18.17 -7.23
CA ARG A 125 -21.31 -16.85 -6.70
C ARG A 125 -19.79 -16.70 -6.68
N ASN A 126 -19.27 -15.64 -7.30
CA ASN A 126 -17.82 -15.52 -7.42
C ASN A 126 -17.22 -14.62 -6.34
N HIS A 127 -15.92 -14.32 -6.45
CA HIS A 127 -15.22 -13.60 -5.39
C HIS A 127 -15.60 -12.12 -5.31
N LEU A 128 -16.39 -11.67 -6.27
CA LEU A 128 -16.84 -10.28 -6.29
C LEU A 128 -18.25 -10.14 -5.74
N HIS A 129 -18.83 -11.24 -5.27
CA HIS A 129 -20.24 -11.29 -4.86
C HIS A 129 -20.42 -10.70 -3.45
N MET A 130 -20.05 -9.44 -3.32
CA MET A 130 -19.99 -8.77 -2.02
C MET A 130 -21.21 -7.86 -1.88
N LEU A 131 -22.04 -8.14 -0.87
CA LEU A 131 -23.38 -7.54 -0.79
C LEU A 131 -23.56 -6.61 0.39
N SER A 132 -22.48 -6.29 1.10
CA SER A 132 -22.54 -5.44 2.29
C SER A 132 -21.84 -4.10 2.08
N ALA A 133 -22.37 -3.05 2.69
CA ALA A 133 -21.82 -1.71 2.53
C ALA A 133 -20.78 -1.28 3.59
N CYS A 134 -20.76 -1.93 4.74
CA CYS A 134 -20.05 -1.41 5.91
C CYS A 134 -19.00 -2.35 6.46
N PHE A 135 -17.78 -1.86 6.62
CA PHE A 135 -16.65 -2.65 7.10
C PHE A 135 -15.84 -1.91 8.17
N VAL A 136 -15.22 -2.65 9.08
CA VAL A 136 -14.14 -2.11 9.90
C VAL A 136 -12.97 -3.10 9.93
N VAL A 137 -11.75 -2.61 9.78
CA VAL A 137 -10.56 -3.43 10.00
C VAL A 137 -9.61 -2.70 10.95
N PRO A 138 -8.84 -3.47 11.73
CA PRO A 138 -7.85 -2.89 12.64
C PRO A 138 -6.59 -2.46 11.88
N VAL A 139 -5.85 -1.51 12.46
CA VAL A 139 -4.55 -1.13 11.92
C VAL A 139 -3.51 -1.23 13.04
N GLY A 140 -2.85 -2.37 13.15
CA GLY A 140 -1.88 -2.60 14.21
C GLY A 140 -0.59 -1.79 14.11
N ASP A 141 0.10 -1.67 15.24
CA ASP A 141 1.29 -0.81 15.36
C ASP A 141 2.57 -1.47 14.83
N SER A 142 2.59 -1.85 13.56
CA SER A 142 3.79 -2.35 12.91
C SER A 142 3.68 -2.14 11.42
N ILE A 143 4.82 -2.11 10.73
CA ILE A 143 4.83 -1.95 9.28
C ILE A 143 4.04 -3.08 8.62
N GLU A 144 4.27 -4.31 9.08
CA GLU A 144 3.57 -5.47 8.53
C GLU A 144 2.04 -5.29 8.62
N GLU A 145 1.55 -4.92 9.81
CA GLU A 145 0.10 -4.78 10.01
C GLU A 145 -0.49 -3.60 9.26
N ILE A 146 0.24 -2.48 9.22
CA ILE A 146 -0.20 -1.30 8.50
C ILE A 146 -0.40 -1.58 7.01
N PHE A 147 0.58 -2.21 6.38
CA PHE A 147 0.47 -2.43 4.95
C PHE A 147 -0.45 -3.61 4.60
N GLU A 148 -0.61 -4.54 5.52
CA GLU A 148 -1.67 -5.54 5.36
C GLU A 148 -3.05 -4.84 5.37
N ALA A 149 -3.23 -3.87 6.27
CA ALA A 149 -4.49 -3.10 6.30
C ALA A 149 -4.67 -2.25 5.04
N VAL A 150 -3.58 -1.72 4.49
CA VAL A 150 -3.69 -0.95 3.25
C VAL A 150 -4.25 -1.85 2.14
N LYS A 151 -3.74 -3.07 2.08
CA LYS A 151 -4.19 -4.04 1.09
C LYS A 151 -5.66 -4.42 1.30
N GLU A 152 -6.04 -4.59 2.56
CA GLU A 152 -7.44 -4.83 2.89
C GLU A 152 -8.36 -3.69 2.44
N TYR A 153 -7.94 -2.43 2.67
CA TYR A 153 -8.68 -1.28 2.15
C TYR A 153 -8.88 -1.37 0.64
N ALA A 154 -7.81 -1.68 -0.09
CA ALA A 154 -7.89 -1.78 -1.54
C ALA A 154 -8.88 -2.87 -1.99
N LEU A 155 -8.78 -4.06 -1.39
CA LEU A 155 -9.67 -5.17 -1.73
C LEU A 155 -11.14 -4.89 -1.42
N ILE A 156 -11.40 -4.24 -0.29
CA ILE A 156 -12.76 -3.90 0.11
C ILE A 156 -13.31 -2.84 -0.84
N THR A 157 -12.48 -1.87 -1.15
CA THR A 157 -12.87 -0.79 -2.03
C THR A 157 -13.20 -1.28 -3.43
N LYS A 158 -12.39 -2.23 -3.92
CA LYS A 158 -12.62 -2.81 -5.24
C LYS A 158 -14.03 -3.38 -5.38
N VAL A 159 -14.52 -4.06 -4.35
CA VAL A 159 -15.85 -4.67 -4.40
C VAL A 159 -16.99 -3.74 -3.94
N GLY A 160 -16.65 -2.50 -3.61
CA GLY A 160 -17.65 -1.49 -3.34
C GLY A 160 -18.07 -1.32 -1.89
N GLY A 161 -17.25 -1.82 -0.97
CA GLY A 161 -17.52 -1.62 0.45
C GLY A 161 -16.95 -0.32 0.98
N GLY A 162 -17.51 0.17 2.08
CA GLY A 162 -16.97 1.34 2.76
C GLY A 162 -16.33 0.88 4.06
N VAL A 163 -15.11 1.34 4.32
CA VAL A 163 -14.32 0.80 5.42
C VAL A 163 -13.77 1.88 6.35
N GLY A 164 -13.74 1.57 7.64
CA GLY A 164 -13.19 2.48 8.62
C GLY A 164 -12.16 1.81 9.52
N SER A 165 -11.33 2.62 10.16
CA SER A 165 -10.42 2.12 11.17
C SER A 165 -10.19 3.14 12.27
N ASN A 166 -9.89 2.65 13.47
CA ASN A 166 -9.33 3.47 14.51
C ASN A 166 -7.82 3.36 14.39
N PHE A 167 -7.15 4.49 14.21
CA PHE A 167 -5.70 4.50 13.99
C PHE A 167 -4.90 4.71 15.27
N SER A 168 -5.57 4.63 16.41
CA SER A 168 -4.93 4.94 17.70
C SER A 168 -3.85 3.94 18.16
N GLU A 169 -3.83 2.73 17.63
CA GLU A 169 -2.76 1.81 17.98
C GLU A 169 -1.42 2.31 17.46
N LEU A 170 -1.43 3.09 16.38
CA LEU A 170 -0.18 3.61 15.82
C LEU A 170 0.51 4.60 16.75
N ARG A 171 1.77 4.34 17.09
CA ARG A 171 2.45 5.17 18.08
C ARG A 171 2.69 6.58 17.52
N PRO A 172 2.74 7.58 18.42
CA PRO A 172 2.81 8.98 17.97
C PRO A 172 4.06 9.32 17.18
N LYS A 173 3.95 10.33 16.34
CA LYS A 173 5.09 10.84 15.59
C LYS A 173 6.26 11.07 16.55
N GLY A 174 7.46 10.60 16.17
CA GLY A 174 8.65 10.79 16.99
C GLY A 174 8.92 9.69 18.01
N SER A 175 7.99 8.77 18.18
CA SER A 175 8.18 7.65 19.11
C SER A 175 9.31 6.73 18.63
N PHE A 176 10.00 6.12 19.58
CA PHE A 176 11.11 5.24 19.26
C PHE A 176 10.64 4.00 18.49
N VAL A 177 11.42 3.62 17.48
CA VAL A 177 11.20 2.39 16.73
C VAL A 177 12.41 1.47 16.96
N ALA A 178 12.23 0.44 17.78
CA ALA A 178 13.35 -0.39 18.23
C ALA A 178 14.08 -1.10 17.10
N GLY A 179 13.32 -1.58 16.12
CA GLY A 179 13.91 -2.36 15.04
C GLY A 179 14.90 -1.59 14.18
N THR A 180 14.76 -0.27 14.14
CA THR A 180 15.61 0.58 13.31
C THR A 180 16.28 1.69 14.09
N HIS A 181 16.04 1.74 15.40
CA HIS A 181 16.47 2.87 16.22
C HIS A 181 16.02 4.18 15.60
N GLY A 182 14.84 4.18 14.98
CA GLY A 182 14.35 5.36 14.30
C GLY A 182 13.23 6.04 15.05
N LYS A 183 12.57 6.97 14.36
CA LYS A 183 11.43 7.70 14.92
C LYS A 183 10.18 7.38 14.09
N ALA A 184 9.06 7.13 14.76
CA ALA A 184 7.83 6.76 14.06
C ALA A 184 7.24 7.94 13.30
N SER A 185 6.63 7.66 12.14
CA SER A 185 5.94 8.69 11.37
C SER A 185 4.64 9.18 12.04
N GLY A 186 3.98 8.31 12.81
CA GLY A 186 2.72 8.66 13.45
C GLY A 186 1.50 8.35 12.60
N PRO A 187 0.30 8.24 13.21
CA PRO A 187 -0.89 7.81 12.47
C PRO A 187 -1.28 8.71 11.28
N VAL A 188 -1.16 10.02 11.40
CA VAL A 188 -1.64 10.89 10.34
C VAL A 188 -0.80 10.71 9.08
N SER A 189 0.51 10.53 9.26
CA SER A 189 1.36 10.28 8.11
C SER A 189 0.98 8.98 7.41
N PHE A 190 0.64 7.94 8.19
CA PHE A 190 0.21 6.68 7.57
C PHE A 190 -1.17 6.76 6.90
N MET A 191 -2.11 7.52 7.48
CA MET A 191 -3.40 7.75 6.83
C MET A 191 -3.26 8.30 5.40
N HIS A 192 -2.27 9.16 5.18
CA HIS A 192 -1.98 9.68 3.84
C HIS A 192 -1.69 8.56 2.85
N VAL A 193 -1.05 7.50 3.32
CA VAL A 193 -0.73 6.37 2.47
C VAL A 193 -1.98 5.57 2.11
N PHE A 194 -2.85 5.36 3.11
CA PHE A 194 -4.15 4.76 2.86
C PHE A 194 -4.91 5.57 1.83
N ASN A 195 -4.86 6.91 1.94
CA ASN A 195 -5.57 7.76 0.99
C ASN A 195 -5.00 7.66 -0.41
N SER A 196 -3.67 7.66 -0.51
CA SER A 196 -3.03 7.52 -1.81
C SER A 196 -3.41 6.18 -2.46
N ALA A 197 -3.48 5.12 -1.66
CA ALA A 197 -3.83 3.81 -2.20
C ALA A 197 -5.24 3.84 -2.78
N ILE A 198 -6.15 4.46 -2.04
CA ILE A 198 -7.55 4.47 -2.46
C ILE A 198 -7.82 5.42 -3.64
N SER A 199 -6.90 6.34 -3.89
CA SER A 199 -7.02 7.20 -5.08
C SER A 199 -6.91 6.42 -6.39
N VAL A 200 -6.41 5.19 -6.36
CA VAL A 200 -6.27 4.41 -7.58
C VAL A 200 -7.09 3.11 -7.58
N VAL A 201 -8.05 3.02 -6.69
CA VAL A 201 -8.89 1.83 -6.62
C VAL A 201 -10.35 2.25 -6.46
N LYS A 202 -11.22 1.61 -7.20
CA LYS A 202 -12.64 1.90 -7.10
C LYS A 202 -13.45 0.76 -7.70
N GLN A 203 -14.75 0.76 -7.43
CA GLN A 203 -15.60 -0.24 -8.08
C GLN A 203 -16.03 0.31 -9.43
N GLY A 204 -15.09 0.40 -10.36
CA GLY A 204 -15.37 0.90 -11.69
C GLY A 204 -15.99 2.29 -11.72
N SER A 205 -17.03 2.46 -12.52
CA SER A 205 -17.74 3.72 -12.59
C SER A 205 -18.81 3.78 -11.50
N ARG A 206 -19.10 2.63 -10.90
CA ARG A 206 -20.16 2.52 -9.89
C ARG A 206 -19.97 3.42 -8.67
N ARG A 207 -18.82 3.29 -7.99
CA ARG A 207 -18.57 4.08 -6.78
C ARG A 207 -17.10 4.13 -6.34
N ARG A 208 -16.64 5.32 -5.98
CA ARG A 208 -15.27 5.50 -5.50
C ARG A 208 -15.15 5.02 -4.06
N GLY A 209 -13.92 4.92 -3.57
CA GLY A 209 -13.69 4.56 -2.18
C GLY A 209 -14.38 5.52 -1.20
N ALA A 210 -14.69 5.01 -0.03
CA ALA A 210 -15.27 5.83 1.03
C ALA A 210 -14.72 5.32 2.35
N LEU A 211 -14.05 6.19 3.10
CA LEU A 211 -13.31 5.76 4.30
C LEU A 211 -13.66 6.53 5.57
N MET A 212 -13.46 5.88 6.71
CA MET A 212 -13.56 6.55 8.01
C MET A 212 -12.22 6.39 8.73
N GLY A 213 -11.67 7.48 9.22
CA GLY A 213 -10.51 7.38 10.10
C GLY A 213 -10.81 8.00 11.43
N ILE A 214 -10.54 7.25 12.50
CA ILE A 214 -10.81 7.73 13.85
C ILE A 214 -9.50 7.78 14.64
N LEU A 215 -9.30 8.83 15.43
CA LEU A 215 -8.20 8.84 16.40
C LEU A 215 -8.76 9.21 17.77
N ASN A 216 -8.36 8.49 18.81
CA ASN A 216 -8.94 8.73 20.13
C ASN A 216 -8.46 10.04 20.74
N ILE A 217 -9.34 10.65 21.51
CA ILE A 217 -9.12 11.97 22.08
C ILE A 217 -7.86 12.08 22.95
N ASN A 218 -7.41 10.97 23.54
CA ASN A 218 -6.22 11.01 24.39
C ASN A 218 -4.92 10.61 23.68
N HIS A 219 -4.98 10.45 22.36
CA HIS A 219 -3.78 10.12 21.59
C HIS A 219 -2.87 11.36 21.51
N PRO A 220 -1.55 11.18 21.71
CA PRO A 220 -0.70 12.38 21.70
C PRO A 220 -0.71 13.18 20.39
N ASP A 221 -1.09 12.56 19.26
CA ASP A 221 -1.17 13.29 17.99
C ASP A 221 -2.55 13.88 17.68
N ILE A 222 -3.41 13.90 18.70
CA ILE A 222 -4.81 14.27 18.48
C ILE A 222 -4.94 15.65 17.84
N GLU A 223 -4.12 16.59 18.30
CA GLU A 223 -4.20 17.96 17.76
C GLU A 223 -3.84 18.04 16.27
N GLU A 224 -2.85 17.25 15.85
CA GLU A 224 -2.51 17.17 14.43
C GLU A 224 -3.64 16.55 13.61
N PHE A 225 -4.24 15.49 14.16
CA PHE A 225 -5.38 14.80 13.53
C PHE A 225 -6.56 15.75 13.34
N ILE A 226 -6.89 16.49 14.39
CA ILE A 226 -7.99 17.44 14.34
C ILE A 226 -7.82 18.45 13.21
N ASP A 227 -6.59 18.87 12.95
CA ASP A 227 -6.30 19.78 11.84
C ASP A 227 -5.88 19.09 10.54
N ALA A 228 -6.01 17.76 10.47
CA ALA A 228 -5.47 17.01 9.33
C ALA A 228 -6.04 17.40 7.96
N LYS A 229 -7.24 17.96 7.93
CA LYS A 229 -7.86 18.37 6.67
C LYS A 229 -7.97 19.89 6.56
N VAL A 237 -5.66 15.41 -0.10
CA VAL A 237 -4.60 14.96 0.79
C VAL A 237 -5.09 13.82 1.70
N LEU A 238 -6.33 13.96 2.17
CA LEU A 238 -7.08 12.91 2.87
C LEU A 238 -8.51 12.92 2.34
N ASN A 239 -8.66 13.14 1.05
CA ASN A 239 -9.97 13.39 0.46
C ASN A 239 -10.94 12.21 0.49
N PHE A 240 -10.42 10.99 0.61
CA PHE A 240 -11.32 9.84 0.70
C PHE A 240 -11.79 9.54 2.12
N PHE A 241 -11.26 10.25 3.11
CA PHE A 241 -11.58 10.01 4.51
C PHE A 241 -12.62 10.98 5.06
N ASN A 242 -13.59 10.45 5.80
CA ASN A 242 -14.26 11.24 6.83
C ASN A 242 -13.40 11.02 8.09
N LEU A 243 -13.29 12.03 8.95
CA LEU A 243 -12.55 11.87 10.21
C LEU A 243 -13.46 12.08 11.40
N SER A 244 -13.26 11.30 12.45
CA SER A 244 -13.98 11.50 13.71
C SER A 244 -13.01 11.31 14.87
N VAL A 245 -13.16 12.13 15.90
CA VAL A 245 -12.41 11.96 17.13
C VAL A 245 -13.12 10.89 17.96
N GLY A 246 -12.36 9.90 18.44
CA GLY A 246 -12.91 8.80 19.21
C GLY A 246 -12.96 9.08 20.71
N PHE A 247 -14.06 8.68 21.34
CA PHE A 247 -14.20 8.79 22.79
C PHE A 247 -14.52 7.42 23.35
N PRO A 248 -13.47 6.66 23.73
CA PRO A 248 -13.75 5.30 24.21
C PRO A 248 -14.25 5.29 25.66
N MET A 249 -14.07 6.38 26.39
CA MET A 249 -14.56 6.48 27.77
C MET A 249 -16.06 6.79 27.77
N ASP A 250 -16.66 6.83 28.94
CA ASP A 250 -18.08 7.13 29.10
C ASP A 250 -18.35 8.60 28.75
N LYS A 251 -19.42 8.87 28.01
CA LYS A 251 -19.79 10.24 27.69
C LYS A 251 -19.88 11.12 28.96
N LYS A 252 -20.42 10.56 30.04
CA LYS A 252 -20.64 11.33 31.28
C LYS A 252 -19.31 11.84 31.83
N GLU A 253 -18.29 11.01 31.67
CA GLU A 253 -16.96 11.29 32.16
C GLU A 253 -16.35 12.50 31.45
N ILE A 254 -16.50 12.55 30.13
CA ILE A 254 -15.96 13.67 29.38
C ILE A 254 -16.76 14.95 29.64
N LEU A 255 -18.08 14.83 29.77
CA LEU A 255 -18.91 16.00 30.10
C LEU A 255 -18.50 16.57 31.45
N LYS A 256 -18.28 15.68 32.41
CA LYS A 256 -17.86 16.10 33.75
C LYS A 256 -16.50 16.78 33.70
N LEU A 257 -15.58 16.24 32.93
CA LEU A 257 -14.27 16.84 32.79
C LEU A 257 -14.41 18.23 32.17
N TYR A 258 -15.29 18.34 31.18
CA TYR A 258 -15.51 19.63 30.52
C TYR A 258 -16.08 20.65 31.49
N GLU A 259 -17.14 20.24 32.20
CA GLU A 259 -17.78 21.11 33.16
C GLU A 259 -16.80 21.63 34.23
N GLU A 260 -15.84 20.80 34.62
CA GLU A 260 -14.87 21.18 35.66
C GLU A 260 -13.68 21.95 35.08
N ASP A 261 -13.66 22.13 33.77
CA ASP A 261 -12.52 22.74 33.10
C ASP A 261 -11.26 21.93 33.42
N GLY A 262 -11.37 20.61 33.36
CA GLY A 262 -10.28 19.73 33.71
C GLY A 262 -9.29 19.46 32.58
N GLU A 263 -8.29 18.66 32.88
CA GLU A 263 -7.27 18.33 31.90
C GLU A 263 -7.32 16.86 31.51
N LEU A 264 -6.85 16.58 30.30
CA LEU A 264 -6.76 15.24 29.78
C LEU A 264 -5.29 14.93 29.56
N GLU A 265 -4.85 13.76 30.00
CA GLU A 265 -3.48 13.35 29.74
C GLU A 265 -3.44 12.61 28.40
N LEU A 266 -2.61 13.09 27.49
CA LEU A 266 -2.38 12.41 26.21
C LEU A 266 -1.20 11.48 26.41
N SER A 267 -1.39 10.21 26.09
CA SER A 267 -0.30 9.25 26.22
C SER A 267 -0.52 8.07 25.30
N HIS A 268 0.50 7.24 25.18
CA HIS A 268 0.40 6.06 24.35
C HIS A 268 1.27 4.97 24.96
N PRO A 269 0.82 3.71 24.86
CA PRO A 269 1.52 2.56 25.47
C PRO A 269 2.91 2.35 24.88
N ARG A 270 3.08 2.72 23.61
CA ARG A 270 4.35 2.50 22.91
C ARG A 270 5.15 3.79 22.75
N SER A 271 4.93 4.75 23.64
CA SER A 271 5.66 6.02 23.63
C SER A 271 5.92 6.54 25.04
N THR A 272 7.02 7.26 25.22
CA THR A 272 7.42 7.72 26.54
C THR A 272 6.98 9.15 26.89
N ILE A 273 6.57 9.91 25.89
CA ILE A 273 6.23 11.31 26.15
C ILE A 273 4.74 11.48 26.42
N ARG A 274 4.44 12.08 27.56
CA ARG A 274 3.07 12.37 27.94
C ARG A 274 2.88 13.87 28.03
N LYS A 275 1.65 14.32 27.77
CA LYS A 275 1.33 15.73 27.73
C LYS A 275 -0.06 15.92 28.34
N LYS A 276 -0.26 17.05 29.02
CA LYS A 276 -1.58 17.39 29.55
C LYS A 276 -2.17 18.55 28.77
N VAL A 277 -3.44 18.42 28.38
CA VAL A 277 -4.14 19.50 27.70
C VAL A 277 -5.52 19.73 28.35
N LYS A 278 -5.99 20.97 28.31
CA LYS A 278 -7.34 21.31 28.76
C LYS A 278 -8.35 20.69 27.83
N ILE A 279 -9.29 19.93 28.37
CA ILE A 279 -10.34 19.34 27.54
C ILE A 279 -11.15 20.41 26.80
N ARG A 280 -11.35 21.57 27.43
CA ARG A 280 -12.10 22.64 26.77
C ARG A 280 -11.36 23.18 25.54
N GLU A 281 -10.03 23.23 25.62
CA GLU A 281 -9.21 23.72 24.51
C GLU A 281 -9.26 22.73 23.35
N LEU A 282 -9.23 21.44 23.67
CA LEU A 282 -9.30 20.41 22.65
C LEU A 282 -10.65 20.51 21.94
N PHE A 283 -11.73 20.62 22.72
CA PHE A 283 -13.06 20.71 22.14
C PHE A 283 -13.20 21.93 21.25
N ARG A 284 -12.63 23.05 21.66
CA ARG A 284 -12.76 24.25 20.85
C ARG A 284 -11.96 24.09 19.54
N LYS A 285 -10.84 23.36 19.59
CA LYS A 285 -10.08 23.12 18.37
C LYS A 285 -10.94 22.30 17.39
N ILE A 286 -11.56 21.25 17.90
CA ILE A 286 -12.47 20.44 17.12
C ILE A 286 -13.63 21.26 16.54
N ALA A 287 -14.31 22.02 17.40
CA ALA A 287 -15.45 22.83 16.97
C ALA A 287 -15.06 23.85 15.91
N THR A 288 -13.89 24.48 16.10
CA THR A 288 -13.39 25.44 15.12
C THR A 288 -13.18 24.78 13.74
N ASN A 289 -12.50 23.65 13.72
N ASN A 289 -12.49 23.65 13.72
CA ASN A 289 -12.29 22.96 12.44
CA ASN A 289 -12.29 22.96 12.45
C ASN A 289 -13.60 22.48 11.80
C ASN A 289 -13.58 22.46 11.81
N ALA A 290 -14.50 21.94 12.62
CA ALA A 290 -15.80 21.50 12.10
C ALA A 290 -16.61 22.69 11.57
N TRP A 291 -16.53 23.81 12.28
CA TRP A 291 -17.18 25.05 11.86
C TRP A 291 -16.66 25.51 10.49
N LYS A 292 -15.35 25.32 10.27
CA LYS A 292 -14.73 25.70 9.00
C LYS A 292 -15.00 24.75 7.84
N SER A 293 -15.01 23.45 8.11
CA SER A 293 -14.88 22.45 7.03
C SER A 293 -15.76 21.23 7.18
N GLY A 294 -16.41 21.08 8.32
CA GLY A 294 -17.28 19.94 8.54
C GLY A 294 -16.59 18.72 9.13
N ASP A 295 -15.29 18.81 9.35
CA ASP A 295 -14.56 17.72 9.99
C ASP A 295 -13.72 18.24 11.15
N PRO A 296 -13.42 17.39 12.14
CA PRO A 296 -13.82 15.99 12.30
C PRO A 296 -15.12 15.89 13.11
N GLY A 297 -15.79 14.75 13.00
CA GLY A 297 -16.96 14.48 13.81
C GLY A 297 -16.56 13.94 15.17
N LEU A 298 -17.55 13.55 15.96
CA LEU A 298 -17.30 12.91 17.24
C LEU A 298 -17.85 11.48 17.19
N ALA A 299 -17.07 10.52 17.66
CA ALA A 299 -17.53 9.14 17.75
C ALA A 299 -17.55 8.68 19.21
N PHE A 300 -18.74 8.48 19.77
CA PHE A 300 -18.82 8.05 21.18
C PHE A 300 -18.69 6.54 21.29
N LEU A 301 -17.47 6.05 21.13
CA LEU A 301 -17.21 4.61 21.13
C LEU A 301 -17.64 3.95 22.42
N GLY A 302 -17.45 4.64 23.53
CA GLY A 302 -17.83 4.11 24.84
C GLY A 302 -19.33 3.89 24.94
N GLU A 303 -20.08 4.81 24.34
CA GLU A 303 -21.54 4.69 24.33
C GLU A 303 -21.95 3.52 23.43
N MET A 304 -21.18 3.28 22.37
CA MET A 304 -21.48 2.17 21.49
C MET A 304 -21.25 0.84 22.20
N ASN A 305 -20.17 0.75 22.97
CA ASN A 305 -19.86 -0.47 23.70
C ASN A 305 -20.81 -0.71 24.86
N LYS A 306 -21.36 0.37 25.39
CA LYS A 306 -22.39 0.29 26.44
C LYS A 306 -23.54 -0.59 26.00
N TYR A 307 -23.87 -0.53 24.71
CA TYR A 307 -25.01 -1.26 24.17
C TYR A 307 -24.63 -2.45 23.27
N TYR A 308 -23.32 -2.75 23.20
CA TYR A 308 -22.82 -3.87 22.39
C TYR A 308 -22.99 -5.18 23.16
N PRO A 309 -23.83 -6.10 22.65
CA PRO A 309 -24.10 -7.36 23.36
C PRO A 309 -22.87 -8.20 23.63
N LEU A 310 -21.77 -7.98 22.89
CA LEU A 310 -20.59 -8.83 23.03
C LEU A 310 -19.46 -8.20 23.83
N TYR A 311 -19.63 -6.94 24.22
CA TYR A 311 -18.63 -6.24 25.01
C TYR A 311 -18.62 -6.79 26.44
N PRO A 312 -17.43 -6.96 27.04
CA PRO A 312 -16.09 -6.65 26.55
C PRO A 312 -15.38 -7.79 25.81
N HIS A 313 -16.04 -8.94 25.64
CA HIS A 313 -15.42 -10.04 24.89
C HIS A 313 -14.95 -9.54 23.53
N ARG A 314 -15.84 -8.86 22.82
CA ARG A 314 -15.52 -8.17 21.58
C ARG A 314 -15.66 -6.67 21.86
N LYS A 315 -15.03 -5.85 21.04
CA LYS A 315 -15.01 -4.42 21.30
C LYS A 315 -15.19 -3.61 20.02
N ILE A 316 -16.03 -2.58 20.10
CA ILE A 316 -16.15 -1.65 18.99
C ILE A 316 -15.13 -0.52 19.09
N ASN A 317 -14.23 -0.44 18.10
CA ASN A 317 -13.23 0.63 18.06
C ASN A 317 -13.49 1.67 16.96
N SER A 318 -14.38 1.37 16.03
CA SER A 318 -14.57 2.25 14.90
C SER A 318 -15.95 2.08 14.25
N THR A 319 -16.34 3.05 13.44
CA THR A 319 -17.53 2.91 12.60
C THR A 319 -17.09 2.80 11.15
N ASN A 320 -18.06 2.53 10.28
CA ASN A 320 -17.86 2.62 8.84
C ASN A 320 -17.91 4.12 8.51
N PRO A 321 -17.79 4.47 7.21
CA PRO A 321 -17.66 5.85 6.72
C PRO A 321 -18.74 6.84 7.15
N CYS A 322 -20.01 6.46 7.18
CA CYS A 322 -21.01 7.47 7.55
C CYS A 322 -21.42 7.36 9.01
N GLY A 323 -20.72 6.51 9.76
CA GLY A 323 -20.87 6.43 11.20
C GLY A 323 -22.03 5.59 11.71
N GLU A 324 -22.86 5.09 10.80
CA GLU A 324 -24.12 4.48 11.23
C GLU A 324 -23.98 3.08 11.84
N ILE A 325 -22.86 2.40 11.59
CA ILE A 325 -22.62 1.11 12.23
C ILE A 325 -21.33 1.11 13.06
N GLY A 326 -21.45 0.75 14.34
CA GLY A 326 -20.26 0.50 15.15
C GLY A 326 -19.87 -0.96 14.97
N LEU A 327 -18.64 -1.22 14.55
CA LEU A 327 -18.21 -2.59 14.22
C LEU A 327 -16.98 -3.06 14.98
N SER A 328 -16.95 -4.33 15.37
CA SER A 328 -15.74 -4.91 15.96
C SER A 328 -14.73 -5.17 14.83
N ASP A 329 -13.50 -5.53 15.18
CA ASP A 329 -12.46 -5.69 14.17
C ASP A 329 -12.81 -6.76 13.14
N TYR A 330 -12.69 -6.41 11.85
CA TYR A 330 -13.00 -7.33 10.74
C TYR A 330 -14.49 -7.60 10.57
N GLU A 331 -15.33 -6.92 11.34
CA GLU A 331 -16.76 -7.13 11.20
C GLU A 331 -17.31 -6.35 10.02
N ALA A 332 -18.30 -6.89 9.33
CA ALA A 332 -19.01 -6.13 8.31
C ALA A 332 -20.51 -6.21 8.59
N CYS A 333 -21.28 -5.39 7.86
CA CYS A 333 -22.73 -5.33 8.06
C CYS A 333 -23.43 -4.92 6.77
N ASN A 334 -24.51 -5.62 6.43
CA ASN A 334 -25.32 -5.29 5.26
C ASN A 334 -26.60 -4.57 5.69
N LEU A 335 -27.00 -3.57 4.89
CA LEU A 335 -28.09 -2.68 5.23
C LEU A 335 -29.25 -2.80 4.25
N GLY A 336 -30.40 -2.28 4.67
CA GLY A 336 -31.55 -2.17 3.80
C GLY A 336 -32.53 -1.23 4.49
N SER A 337 -33.33 -0.51 3.72
CA SER A 337 -34.25 0.45 4.29
C SER A 337 -35.66 0.33 3.73
N ILE A 338 -36.62 0.53 4.63
CA ILE A 338 -38.03 0.59 4.30
C ILE A 338 -38.46 2.04 4.02
N ASP A 339 -39.17 2.26 2.91
CA ASP A 339 -39.71 3.58 2.62
C ASP A 339 -41.02 3.79 3.41
N VAL A 340 -40.92 4.42 4.57
CA VAL A 340 -42.11 4.57 5.40
C VAL A 340 -43.11 5.57 4.82
N ALA A 341 -42.69 6.42 3.89
CA ALA A 341 -43.64 7.34 3.27
C ALA A 341 -44.79 6.61 2.56
N LYS A 342 -44.51 5.42 2.06
CA LYS A 342 -45.51 4.62 1.33
C LYS A 342 -46.51 3.95 2.26
N PHE A 343 -46.25 4.03 3.56
CA PHE A 343 -47.15 3.42 4.55
C PHE A 343 -48.16 4.41 5.12
N TYR A 344 -48.18 5.62 4.57
CA TYR A 344 -49.16 6.61 5.00
C TYR A 344 -50.55 6.19 4.54
N ASN A 345 -51.51 6.24 5.46
CA ASN A 345 -52.88 5.90 5.10
C ASN A 345 -53.89 6.67 5.92
N ASN A 346 -54.53 7.65 5.29
CA ASN A 346 -55.64 8.38 5.88
C ASN A 346 -55.35 8.99 7.25
N GLY A 347 -54.19 9.62 7.40
CA GLY A 347 -53.86 10.31 8.64
C GLY A 347 -53.07 9.48 9.64
N PHE A 348 -52.75 8.25 9.27
CA PHE A 348 -52.02 7.34 10.16
C PHE A 348 -50.97 6.53 9.41
N VAL A 349 -50.01 5.96 10.15
CA VAL A 349 -49.12 4.97 9.54
C VAL A 349 -49.80 3.62 9.61
N ASP A 350 -49.75 2.88 8.51
CA ASP A 350 -50.34 1.53 8.45
C ASP A 350 -49.42 0.50 9.11
N LEU A 351 -49.61 0.30 10.41
CA LEU A 351 -48.78 -0.62 11.19
C LEU A 351 -49.01 -2.08 10.85
N GLU A 352 -50.18 -2.39 10.29
CA GLU A 352 -50.45 -3.76 9.92
C GLU A 352 -49.52 -4.18 8.80
N ALA A 353 -49.47 -3.36 7.76
CA ALA A 353 -48.62 -3.64 6.61
C ALA A 353 -47.14 -3.48 6.98
N LEU A 354 -46.83 -2.46 7.78
CA LEU A 354 -45.44 -2.22 8.18
C LEU A 354 -44.85 -3.39 8.97
N GLN A 355 -45.63 -3.95 9.88
CA GLN A 355 -45.16 -5.10 10.64
C GLN A 355 -44.82 -6.28 9.73
N GLU A 356 -45.68 -6.58 8.77
CA GLU A 356 -45.41 -7.66 7.82
C GLU A 356 -44.13 -7.41 7.04
N LEU A 357 -43.86 -6.15 6.71
CA LEU A 357 -42.67 -5.83 5.93
C LEU A 357 -41.39 -5.91 6.77
N VAL A 358 -41.48 -5.51 8.04
CA VAL A 358 -40.32 -5.60 8.92
C VAL A 358 -39.88 -7.06 9.02
N GLN A 359 -40.87 -7.96 9.14
CA GLN A 359 -40.61 -9.39 9.22
C GLN A 359 -39.93 -9.91 7.96
N ILE A 360 -40.44 -9.48 6.81
CA ILE A 360 -39.85 -9.84 5.51
C ILE A 360 -38.45 -9.27 5.33
N ALA A 361 -38.27 -7.99 5.67
CA ALA A 361 -36.98 -7.34 5.46
C ALA A 361 -35.89 -7.90 6.35
N VAL A 362 -36.25 -8.30 7.57
CA VAL A 362 -35.24 -8.91 8.46
C VAL A 362 -34.80 -10.27 7.92
N ARG A 363 -35.74 -11.06 7.40
CA ARG A 363 -35.38 -12.33 6.79
C ARG A 363 -34.51 -12.12 5.54
N PHE A 364 -34.91 -11.16 4.71
CA PHE A 364 -34.10 -10.78 3.54
C PHE A 364 -32.66 -10.47 3.93
N LEU A 365 -32.49 -9.56 4.90
CA LEU A 365 -31.15 -9.10 5.25
C LEU A 365 -30.32 -10.22 5.87
N ASP A 366 -30.98 -11.10 6.62
CA ASP A 366 -30.27 -12.21 7.23
C ASP A 366 -29.85 -13.24 6.17
N ASN A 367 -30.70 -13.41 5.15
CA ASN A 367 -30.35 -14.24 4.00
C ASN A 367 -29.16 -13.68 3.19
N VAL A 368 -29.09 -12.36 3.07
CA VAL A 368 -27.97 -11.74 2.36
C VAL A 368 -26.64 -12.29 2.89
N ILE A 369 -26.58 -12.50 4.20
CA ILE A 369 -25.34 -12.96 4.82
C ILE A 369 -24.94 -14.32 4.25
N ASP A 370 -25.92 -15.21 4.06
CA ASP A 370 -25.63 -16.56 3.58
C ASP A 370 -25.13 -16.60 2.13
N VAL A 371 -25.43 -15.58 1.34
CA VAL A 371 -24.99 -15.59 -0.05
C VAL A 371 -23.92 -14.54 -0.31
N ASN A 372 -23.45 -13.93 0.77
CA ASN A 372 -22.41 -12.91 0.71
C ASN A 372 -21.02 -13.55 0.56
N VAL A 373 -20.16 -12.94 -0.24
CA VAL A 373 -18.76 -13.36 -0.35
C VAL A 373 -17.85 -12.18 0.02
N PHE A 374 -16.98 -12.37 1.02
CA PHE A 374 -16.06 -11.32 1.43
C PHE A 374 -14.66 -11.60 0.91
N PRO A 375 -13.82 -10.56 0.81
CA PRO A 375 -12.49 -10.70 0.20
C PRO A 375 -11.45 -11.23 1.19
N ILE A 376 -11.82 -11.33 2.45
CA ILE A 376 -10.86 -11.59 3.52
C ILE A 376 -11.48 -12.57 4.49
N ASP A 377 -10.79 -13.68 4.76
CA ASP A 377 -11.31 -14.76 5.59
C ASP A 377 -11.73 -14.34 7.00
N LYS A 378 -10.95 -13.46 7.63
CA LYS A 378 -11.30 -13.01 8.97
C LYS A 378 -12.64 -12.25 9.01
N ILE A 379 -13.00 -11.61 7.91
CA ILE A 379 -14.30 -10.91 7.81
C ILE A 379 -15.45 -11.91 7.70
N THR A 380 -15.27 -12.93 6.86
CA THR A 380 -16.26 -13.99 6.73
C THR A 380 -16.55 -14.60 8.11
N LYS A 381 -15.50 -14.85 8.86
CA LYS A 381 -15.62 -15.46 10.17
C LYS A 381 -16.35 -14.55 11.16
N ALA A 382 -15.97 -13.28 11.21
CA ALA A 382 -16.60 -12.34 12.13
C ALA A 382 -18.08 -12.15 11.81
N VAL A 383 -18.42 -12.13 10.53
CA VAL A 383 -19.82 -11.94 10.14
C VAL A 383 -20.68 -13.16 10.47
N LYS A 384 -20.13 -14.35 10.23
CA LYS A 384 -20.86 -15.59 10.53
C LYS A 384 -21.13 -15.72 12.03
N GLU A 385 -20.18 -15.28 12.83
CA GLU A 385 -20.30 -15.44 14.27
C GLU A 385 -21.32 -14.53 14.93
N SER A 386 -21.56 -13.37 14.32
CA SER A 386 -22.44 -12.34 14.89
C SER A 386 -23.74 -12.06 14.11
N ARG A 387 -23.67 -12.12 12.79
CA ARG A 387 -24.82 -11.86 11.92
C ARG A 387 -25.52 -10.52 12.19
N ARG A 388 -24.71 -9.48 12.31
CA ARG A 388 -25.24 -8.14 12.51
C ARG A 388 -25.97 -7.66 11.25
N LEU A 389 -27.14 -7.05 11.44
CA LEU A 389 -27.90 -6.48 10.33
C LEU A 389 -28.12 -5.00 10.57
N GLY A 390 -28.44 -4.27 9.50
CA GLY A 390 -28.79 -2.87 9.63
C GLY A 390 -30.05 -2.48 8.87
N LEU A 391 -31.20 -2.87 9.40
CA LEU A 391 -32.49 -2.45 8.86
C LEU A 391 -32.81 -1.02 9.30
N GLY A 392 -33.13 -0.16 8.33
CA GLY A 392 -33.44 1.23 8.59
C GLY A 392 -34.66 1.70 7.82
N ILE A 393 -34.85 3.01 7.80
CA ILE A 393 -35.96 3.59 7.07
C ILE A 393 -35.45 4.72 6.20
N MET A 394 -36.23 5.06 5.19
CA MET A 394 -36.05 6.29 4.46
C MET A 394 -37.46 6.82 4.24
N GLY A 395 -37.60 8.03 3.70
CA GLY A 395 -38.91 8.59 3.43
C GLY A 395 -39.57 9.19 4.65
N PHE A 396 -38.80 9.34 5.72
CA PHE A 396 -39.37 9.79 7.01
C PHE A 396 -39.85 11.23 6.89
N ALA A 397 -39.04 12.09 6.29
CA ALA A 397 -39.43 13.49 6.11
C ALA A 397 -40.73 13.63 5.29
N ASP A 398 -40.85 12.83 4.23
CA ASP A 398 -42.04 12.89 3.41
C ASP A 398 -43.26 12.33 4.15
N LEU A 399 -43.03 11.37 5.04
CA LEU A 399 -44.11 10.82 5.84
C LEU A 399 -44.63 11.91 6.76
N LEU A 400 -43.72 12.67 7.38
CA LEU A 400 -44.14 13.79 8.21
C LEU A 400 -44.96 14.79 7.43
N TYR A 401 -44.54 15.09 6.20
CA TYR A 401 -45.36 15.96 5.34
C TYR A 401 -46.80 15.46 5.20
N LYS A 402 -46.95 14.17 4.92
CA LYS A 402 -48.27 13.61 4.65
C LYS A 402 -49.13 13.65 5.91
N LEU A 403 -48.47 13.46 7.05
CA LEU A 403 -49.13 13.46 8.35
C LEU A 403 -49.37 14.89 8.84
N GLU A 404 -48.87 15.86 8.09
CA GLU A 404 -48.95 17.28 8.47
C GLU A 404 -48.34 17.57 9.84
N ILE A 405 -47.16 17.00 10.05
CA ILE A 405 -46.38 17.18 11.28
C ILE A 405 -45.07 17.88 10.94
N PRO A 406 -44.82 19.04 11.57
CA PRO A 406 -43.54 19.75 11.35
C PRO A 406 -42.36 18.97 11.95
N TYR A 407 -41.31 18.80 11.15
CA TYR A 407 -40.13 18.07 11.56
C TYR A 407 -39.53 18.67 12.83
N ASN A 408 -39.51 19.99 12.91
CA ASN A 408 -38.97 20.65 14.09
C ASN A 408 -40.03 20.86 15.18
N SER A 409 -40.48 19.76 15.78
CA SER A 409 -41.50 19.79 16.84
C SER A 409 -41.37 18.59 17.77
N GLN A 410 -41.82 18.74 19.01
CA GLN A 410 -41.87 17.59 19.90
C GLN A 410 -42.81 16.52 19.34
N GLU A 411 -43.88 16.94 18.65
CA GLU A 411 -44.79 15.99 18.03
C GLU A 411 -44.06 15.00 17.11
N ALA A 412 -43.22 15.52 16.23
CA ALA A 412 -42.48 14.70 15.26
C ALA A 412 -41.52 13.76 15.96
N ARG A 413 -40.88 14.25 17.03
CA ARG A 413 -39.89 13.45 17.74
C ARG A 413 -40.57 12.33 18.51
N ASP A 414 -41.74 12.63 19.09
CA ASP A 414 -42.51 11.59 19.75
C ASP A 414 -42.97 10.54 18.76
N PHE A 415 -43.42 10.98 17.59
CA PHE A 415 -43.82 10.07 16.52
C PHE A 415 -42.63 9.21 16.04
N ALA A 416 -41.50 9.86 15.85
CA ALA A 416 -40.26 9.16 15.46
C ALA A 416 -39.91 8.03 16.43
N ALA A 417 -39.89 8.36 17.72
CA ALA A 417 -39.56 7.36 18.73
C ALA A 417 -40.53 6.18 18.72
N ASN A 418 -41.82 6.48 18.62
CA ASN A 418 -42.84 5.45 18.59
C ASN A 418 -42.72 4.55 17.37
N LEU A 419 -42.47 5.19 16.22
CA LEU A 419 -42.33 4.49 14.95
C LEU A 419 -41.12 3.56 15.00
N MET A 420 -39.99 4.11 15.46
CA MET A 420 -38.76 3.34 15.57
C MET A 420 -38.90 2.22 16.61
N ALA A 421 -39.55 2.51 17.74
CA ALA A 421 -39.81 1.48 18.76
C ALA A 421 -40.62 0.30 18.17
N PHE A 422 -41.65 0.62 17.41
CA PHE A 422 -42.47 -0.40 16.76
C PHE A 422 -41.60 -1.25 15.84
N ILE A 423 -40.83 -0.58 15.01
CA ILE A 423 -39.94 -1.30 14.11
C ILE A 423 -38.94 -2.16 14.90
N ALA A 424 -38.29 -1.57 15.90
CA ALA A 424 -37.36 -2.34 16.73
C ALA A 424 -38.02 -3.58 17.31
N LEU A 425 -39.23 -3.39 17.86
CA LEU A 425 -39.97 -4.46 18.50
C LEU A 425 -40.18 -5.65 17.56
N HIS A 426 -40.66 -5.37 16.35
CA HIS A 426 -40.96 -6.44 15.40
C HIS A 426 -39.73 -6.98 14.69
N ALA A 427 -38.69 -6.18 14.54
CA ALA A 427 -37.41 -6.67 14.00
C ALA A 427 -36.81 -7.71 14.94
N HIS A 428 -36.76 -7.37 16.23
CA HIS A 428 -36.18 -8.30 17.20
C HIS A 428 -37.06 -9.54 17.39
N ARG A 429 -38.38 -9.36 17.33
CA ARG A 429 -39.26 -10.52 17.37
C ARG A 429 -38.95 -11.47 16.23
N THR A 430 -38.69 -10.92 15.05
CA THR A 430 -38.38 -11.74 13.88
C THR A 430 -37.03 -12.46 14.05
N SER A 431 -36.07 -11.78 14.68
CA SER A 431 -34.77 -12.38 14.93
C SER A 431 -34.91 -13.58 15.87
N TYR A 432 -35.80 -13.43 16.85
CA TYR A 432 -36.13 -14.55 17.73
C TYR A 432 -36.65 -15.73 16.92
N GLU A 433 -37.67 -15.47 16.09
CA GLU A 433 -38.26 -16.53 15.26
C GLU A 433 -37.22 -17.16 14.33
N LEU A 434 -36.36 -16.33 13.76
CA LEU A 434 -35.31 -16.83 12.86
C LEU A 434 -34.29 -17.69 13.61
N GLY A 435 -33.95 -17.27 14.82
CA GLY A 435 -33.06 -18.07 15.65
C GLY A 435 -33.67 -19.43 15.90
N LYS A 436 -34.99 -19.45 16.08
CA LYS A 436 -35.69 -20.69 16.36
C LYS A 436 -35.73 -21.58 15.12
N GLU A 437 -35.94 -20.97 13.96
CA GLU A 437 -36.08 -21.73 12.71
C GLU A 437 -34.73 -22.20 12.13
N LYS A 438 -33.75 -21.30 12.12
CA LYS A 438 -32.50 -21.57 11.40
C LYS A 438 -31.30 -21.83 12.32
N GLY A 439 -31.40 -21.40 13.57
CA GLY A 439 -30.29 -21.53 14.51
C GLY A 439 -29.83 -20.16 14.99
N ASN A 440 -29.34 -20.11 16.23
CA ASN A 440 -28.89 -18.87 16.84
C ASN A 440 -27.56 -18.40 16.26
N PHE A 441 -27.25 -17.11 16.37
CA PHE A 441 -25.90 -16.70 16.00
C PHE A 441 -24.92 -17.34 16.99
N PRO A 442 -23.77 -17.80 16.49
CA PRO A 442 -22.88 -18.64 17.31
C PRO A 442 -22.44 -17.99 18.62
N LEU A 443 -22.33 -16.66 18.68
CA LEU A 443 -21.92 -16.01 19.92
C LEU A 443 -23.06 -15.63 20.87
N LEU A 444 -24.27 -16.11 20.61
CA LEU A 444 -25.40 -15.83 21.50
C LEU A 444 -25.00 -16.11 22.94
N GLU A 445 -24.47 -17.31 23.17
CA GLU A 445 -24.14 -17.81 24.51
C GLU A 445 -23.26 -16.91 25.37
N ILE A 446 -22.35 -16.17 24.75
CA ILE A 446 -21.44 -15.31 25.51
C ILE A 446 -21.88 -13.86 25.43
N SER A 447 -23.04 -13.63 24.83
CA SER A 447 -23.56 -12.28 24.68
C SER A 447 -24.34 -11.89 25.93
N ARG A 448 -24.63 -10.59 26.05
CA ARG A 448 -25.36 -10.10 27.21
C ARG A 448 -26.85 -10.43 27.17
N TYR A 449 -27.34 -10.88 26.01
CA TYR A 449 -28.72 -11.38 25.92
C TYR A 449 -28.84 -12.64 26.76
N ARG A 450 -27.71 -13.34 26.94
CA ARG A 450 -27.70 -14.57 27.71
C ARG A 450 -27.13 -14.37 29.11
N THR A 451 -26.06 -13.61 29.22
CA THR A 451 -25.31 -13.55 30.48
C THR A 451 -25.87 -12.54 31.48
N GLU A 452 -26.87 -11.77 31.06
CA GLU A 452 -27.46 -10.76 31.91
C GLU A 452 -28.95 -10.96 32.11
N ASP A 453 -29.49 -10.17 33.03
CA ASP A 453 -30.92 -9.95 33.11
C ASP A 453 -31.15 -8.50 32.70
N ASN A 454 -32.19 -8.27 31.91
CA ASN A 454 -32.62 -6.92 31.57
C ASN A 454 -31.71 -6.15 30.61
N PHE A 455 -30.83 -6.85 29.90
CA PHE A 455 -30.08 -6.16 28.84
C PHE A 455 -30.99 -5.75 27.68
N VAL A 456 -30.90 -4.48 27.31
CA VAL A 456 -31.57 -3.94 26.13
C VAL A 456 -30.53 -3.11 25.36
N PRO A 457 -30.41 -3.34 24.04
CA PRO A 457 -29.33 -2.74 23.23
C PRO A 457 -29.58 -1.28 22.79
N PHE A 458 -30.47 -0.60 23.50
CA PHE A 458 -30.69 0.82 23.29
C PHE A 458 -31.38 1.43 24.51
N ALA A 459 -31.43 2.75 24.57
CA ALA A 459 -31.80 3.47 25.79
C ALA A 459 -33.32 3.51 26.04
N MET A 460 -34.11 3.48 24.98
CA MET A 460 -35.57 3.61 25.09
C MET A 460 -35.98 4.89 25.81
N GLY A 461 -37.13 4.88 26.50
CA GLY A 461 -37.57 6.01 27.29
C GLY A 461 -38.48 7.04 26.62
N MET A 462 -38.90 6.78 25.38
CA MET A 462 -39.80 7.71 24.70
C MET A 462 -40.94 7.00 24.00
N SER A 463 -41.42 5.91 24.56
CA SER A 463 -42.47 5.14 23.91
C SER A 463 -43.16 4.22 24.90
N ASN A 464 -44.43 3.93 24.66
CA ASN A 464 -45.08 2.96 25.50
C ASN A 464 -44.94 1.52 24.99
N TYR A 465 -44.15 1.35 23.93
CA TYR A 465 -43.75 0.00 23.48
C TYR A 465 -42.62 -0.57 24.35
N ASP A 466 -42.07 0.25 25.25
CA ASP A 466 -40.91 -0.15 26.03
C ASP A 466 -41.07 -1.47 26.77
N ASP A 467 -42.20 -1.64 27.46
CA ASP A 467 -42.43 -2.89 28.20
C ASP A 467 -42.43 -4.11 27.30
N GLU A 468 -43.12 -4.05 26.16
CA GLU A 468 -43.12 -5.15 25.20
C GLU A 468 -41.72 -5.41 24.67
N ILE A 469 -40.97 -4.34 24.41
CA ILE A 469 -39.61 -4.53 23.92
C ILE A 469 -38.79 -5.26 24.99
N ARG A 470 -38.99 -4.88 26.24
CA ARG A 470 -38.29 -5.56 27.33
C ARG A 470 -38.60 -7.06 27.33
N GLU A 471 -39.86 -7.41 27.07
CA GLU A 471 -40.25 -8.82 27.05
C GLU A 471 -39.58 -9.56 25.90
N VAL A 472 -39.56 -8.94 24.72
CA VAL A 472 -38.94 -9.58 23.57
C VAL A 472 -37.45 -9.82 23.80
N MET A 473 -36.75 -8.86 24.41
CA MET A 473 -35.32 -9.03 24.67
C MET A 473 -35.09 -10.21 25.61
N LYS A 474 -35.98 -10.38 26.58
CA LYS A 474 -35.89 -11.54 27.48
C LYS A 474 -36.06 -12.86 26.75
N MET A 475 -37.02 -12.92 25.83
CA MET A 475 -37.24 -14.13 25.04
C MET A 475 -35.99 -14.50 24.24
N THR A 476 -35.30 -13.48 23.73
CA THR A 476 -34.14 -13.72 22.86
C THR A 476 -32.91 -14.23 23.62
N LYS A 477 -33.07 -14.43 24.92
CA LYS A 477 -32.06 -15.12 25.71
C LYS A 477 -31.95 -16.55 25.22
N GLU A 478 -33.08 -17.10 24.77
CA GLU A 478 -33.12 -18.48 24.31
C GLU A 478 -32.90 -18.59 22.80
N PHE A 479 -33.55 -17.72 22.04
CA PHE A 479 -33.40 -17.72 20.58
C PHE A 479 -33.13 -16.32 20.02
N ARG A 480 -32.12 -16.22 19.16
CA ARG A 480 -31.77 -14.95 18.53
C ARG A 480 -30.83 -15.20 17.35
N ARG A 481 -31.25 -14.79 16.16
CA ARG A 481 -30.49 -15.02 14.95
C ARG A 481 -29.38 -14.00 14.75
N ASN A 482 -29.53 -12.81 15.34
CA ASN A 482 -28.70 -11.65 15.03
C ASN A 482 -28.29 -10.84 16.26
N VAL A 483 -27.03 -10.40 16.30
CA VAL A 483 -26.50 -9.68 17.47
C VAL A 483 -27.11 -8.29 17.57
N ALA A 484 -27.43 -7.71 16.42
CA ALA A 484 -28.13 -6.42 16.36
C ALA A 484 -28.76 -6.31 14.98
N LEU A 485 -29.78 -5.45 14.86
CA LEU A 485 -30.62 -5.48 13.66
C LEU A 485 -30.91 -4.16 12.96
N LEU A 486 -30.62 -3.04 13.63
CA LEU A 486 -31.18 -1.76 13.20
C LEU A 486 -30.18 -0.65 13.01
N THR A 487 -30.43 0.20 12.01
CA THR A 487 -29.67 1.42 11.81
C THR A 487 -30.54 2.42 11.07
N ILE A 488 -30.06 3.65 10.94
CA ILE A 488 -30.60 4.53 9.92
C ILE A 488 -29.42 5.04 9.09
N ALA A 489 -29.45 4.74 7.81
CA ALA A 489 -28.34 5.02 6.91
C ALA A 489 -28.59 6.30 6.15
N PRO A 490 -27.57 6.84 5.48
CA PRO A 490 -27.87 8.04 4.68
C PRO A 490 -28.86 7.74 3.55
N THR A 491 -28.85 6.51 3.03
CA THR A 491 -29.63 6.13 1.84
C THR A 491 -29.43 7.07 0.66
N GLY A 492 -28.21 7.58 0.51
CA GLY A 492 -27.90 8.57 -0.52
C GLY A 492 -28.27 8.14 -1.94
N SER A 493 -28.20 6.84 -2.21
CA SER A 493 -28.60 6.35 -3.53
C SER A 493 -29.94 5.64 -3.56
N ILE A 494 -30.21 4.78 -2.59
CA ILE A 494 -31.43 3.99 -2.67
C ILE A 494 -32.69 4.82 -2.42
N SER A 495 -32.56 5.96 -1.74
CA SER A 495 -33.72 6.84 -1.57
C SER A 495 -34.05 7.52 -2.91
N ASN A 496 -33.04 7.78 -3.72
CA ASN A 496 -33.30 8.26 -5.08
C ASN A 496 -34.04 7.23 -5.91
N ILE A 497 -33.58 5.98 -5.88
CA ILE A 497 -34.25 4.90 -6.59
C ILE A 497 -35.69 4.76 -6.14
N ALA A 498 -35.94 4.88 -4.84
CA ALA A 498 -37.30 4.79 -4.29
C ALA A 498 -38.12 6.08 -4.43
N ASP A 499 -37.52 7.13 -4.98
CA ASP A 499 -38.23 8.40 -5.18
C ASP A 499 -38.78 8.94 -3.85
N THR A 500 -37.94 9.00 -2.83
CA THR A 500 -38.41 9.37 -1.50
C THR A 500 -37.32 10.11 -0.70
N SER A 501 -37.68 10.72 0.43
CA SER A 501 -36.70 11.47 1.21
C SER A 501 -35.65 10.52 1.80
N SER A 502 -34.49 11.06 2.14
CA SER A 502 -33.35 10.24 2.50
C SER A 502 -33.30 9.97 4.00
N GLY A 503 -33.29 8.70 4.38
CA GLY A 503 -33.05 8.30 5.74
C GLY A 503 -34.02 8.99 6.68
N LEU A 504 -33.52 9.54 7.78
CA LEU A 504 -34.34 10.28 8.72
C LEU A 504 -34.20 11.78 8.48
N GLU A 505 -33.45 12.13 7.45
CA GLU A 505 -33.14 13.54 7.22
C GLU A 505 -34.34 14.29 6.72
N PRO A 506 -34.44 15.57 7.08
CA PRO A 506 -35.46 16.40 6.45
C PRO A 506 -35.07 16.62 5.01
N ASN A 507 -36.02 16.98 4.17
CA ASN A 507 -35.67 17.33 2.79
C ASN A 507 -34.73 18.51 2.78
N PHE A 508 -33.66 18.44 2.01
CA PHE A 508 -32.79 19.59 2.00
C PHE A 508 -33.45 20.75 1.24
N LEU A 509 -34.15 20.42 0.16
CA LEU A 509 -34.88 21.43 -0.60
C LEU A 509 -36.22 20.87 -1.07
N LEU A 510 -37.20 21.75 -1.24
CA LEU A 510 -38.53 21.38 -1.73
C LEU A 510 -38.61 21.44 -3.25
N ALA A 511 -37.70 22.19 -3.85
CA ALA A 511 -37.74 22.38 -5.30
C ALA A 511 -36.37 22.79 -5.83
N TYR A 512 -36.05 22.32 -7.02
CA TYR A 512 -34.80 22.68 -7.68
C TYR A 512 -34.84 22.24 -9.13
N THR A 513 -33.77 22.50 -9.84
CA THR A 513 -33.73 22.18 -11.27
C THR A 513 -32.82 21.00 -11.58
N ARG A 514 -33.40 19.92 -12.10
CA ARG A 514 -32.63 18.82 -12.67
C ARG A 514 -32.39 19.10 -14.14
N PHE A 515 -31.53 18.30 -14.78
CA PHE A 515 -31.23 18.49 -16.19
C PHE A 515 -31.27 17.16 -16.95
N PRO A 525 -33.37 21.67 -18.76
CA PRO A 525 -33.81 22.26 -17.49
C PRO A 525 -35.15 21.70 -17.03
N LEU A 526 -35.13 20.90 -15.97
CA LEU A 526 -36.33 20.29 -15.42
C LEU A 526 -36.60 20.78 -13.99
N LEU A 527 -37.78 21.33 -13.77
CA LEU A 527 -38.17 21.75 -12.42
C LEU A 527 -38.72 20.58 -11.64
N TYR A 528 -38.09 20.27 -10.51
CA TYR A 528 -38.62 19.27 -9.61
C TYR A 528 -39.25 19.96 -8.40
N VAL A 529 -40.43 19.50 -8.01
CA VAL A 529 -41.05 19.95 -6.76
C VAL A 529 -41.40 18.73 -5.94
N ASN A 530 -41.12 18.77 -4.64
CA ASN A 530 -41.49 17.68 -3.75
C ASN A 530 -42.88 17.19 -4.07
N GLN A 531 -43.04 15.90 -4.29
CA GLN A 531 -44.34 15.35 -4.69
C GLN A 531 -45.48 15.68 -3.71
N VAL A 532 -45.19 15.61 -2.41
CA VAL A 532 -46.22 15.88 -1.41
C VAL A 532 -46.62 17.37 -1.41
N LEU A 533 -45.64 18.24 -1.62
CA LEU A 533 -45.94 19.67 -1.69
C LEU A 533 -46.86 19.93 -2.87
N ARG A 534 -46.64 19.19 -3.96
CA ARG A 534 -47.45 19.37 -5.17
C ARG A 534 -48.91 18.98 -4.91
N GLU A 535 -49.10 17.93 -4.13
CA GLU A 535 -50.45 17.41 -3.84
C GLU A 535 -51.23 18.30 -2.88
N LYS A 536 -50.51 19.00 -2.01
CA LYS A 536 -51.17 19.78 -0.95
C LYS A 536 -51.32 21.24 -1.31
N LEU A 537 -50.44 21.75 -2.17
CA LEU A 537 -50.44 23.17 -2.50
C LEU A 537 -51.28 23.45 -3.74
N ASN A 538 -52.01 24.56 -3.70
CA ASN A 538 -52.80 25.01 -4.84
C ASN A 538 -51.88 25.23 -6.04
N PRO A 539 -52.14 24.53 -7.16
CA PRO A 539 -51.26 24.57 -8.33
C PRO A 539 -50.99 26.00 -8.82
N GLU A 540 -51.94 26.90 -8.57
CA GLU A 540 -51.80 28.29 -8.97
C GLU A 540 -50.73 28.99 -8.13
N ILE A 541 -50.92 28.95 -6.81
CA ILE A 541 -49.93 29.44 -5.86
C ILE A 541 -48.55 28.87 -6.14
N LEU A 542 -48.50 27.57 -6.40
CA LEU A 542 -47.23 26.90 -6.67
C LEU A 542 -46.52 27.61 -7.82
N LYS A 543 -47.19 27.71 -8.96
CA LYS A 543 -46.60 28.33 -10.13
C LYS A 543 -46.15 29.75 -9.82
N ARG A 544 -46.89 30.42 -8.96
CA ARG A 544 -46.58 31.79 -8.56
C ARG A 544 -45.27 31.87 -7.77
N ILE A 545 -45.13 31.01 -6.78
CA ILE A 545 -44.01 31.09 -5.85
C ILE A 545 -42.77 30.29 -6.23
N GLU A 546 -42.92 29.38 -7.20
CA GLU A 546 -41.82 28.49 -7.60
C GLU A 546 -40.50 29.23 -7.74
N LYS A 547 -40.55 30.37 -8.42
CA LYS A 547 -39.37 31.16 -8.69
C LYS A 547 -38.68 31.55 -7.39
N GLU A 548 -39.44 32.12 -6.45
CA GLU A 548 -38.88 32.57 -5.19
C GLU A 548 -38.42 31.40 -4.32
N LEU A 549 -39.13 30.28 -4.39
CA LEU A 549 -38.79 29.10 -3.62
C LEU A 549 -37.41 28.57 -4.00
N ILE A 550 -37.13 28.49 -5.29
CA ILE A 550 -35.80 28.06 -5.74
C ILE A 550 -34.70 29.04 -5.30
N GLU A 551 -34.96 30.34 -5.50
CA GLU A 551 -34.01 31.38 -5.11
C GLU A 551 -33.68 31.36 -3.61
N LYS A 552 -34.70 31.29 -2.77
CA LYS A 552 -34.50 31.39 -1.32
C LYS A 552 -34.26 30.05 -0.62
N GLY A 553 -34.63 28.96 -1.29
CA GLY A 553 -34.41 27.62 -0.76
C GLY A 553 -35.31 27.24 0.41
N SER A 554 -36.41 27.98 0.57
CA SER A 554 -37.35 27.74 1.67
C SER A 554 -38.65 28.52 1.44
N LEU A 555 -39.74 28.07 2.04
CA LEU A 555 -41.03 28.75 1.93
C LEU A 555 -41.19 29.87 2.95
N LYS A 556 -40.33 29.87 3.97
CA LYS A 556 -40.57 30.64 5.19
C LYS A 556 -40.83 32.14 5.00
N ASP A 557 -40.13 32.77 4.08
CA ASP A 557 -40.28 34.21 3.90
C ASP A 557 -41.12 34.57 2.69
N ILE A 558 -41.72 33.57 2.06
CA ILE A 558 -42.53 33.80 0.87
C ILE A 558 -43.94 34.27 1.24
N PRO A 559 -44.34 35.43 0.71
CA PRO A 559 -45.64 36.01 1.04
C PRO A 559 -46.79 35.23 0.44
N ASP A 560 -47.91 35.19 1.15
CA ASP A 560 -49.15 34.57 0.66
C ASP A 560 -49.04 33.05 0.49
N VAL A 561 -48.16 32.43 1.26
CA VAL A 561 -48.16 30.98 1.42
C VAL A 561 -48.78 30.68 2.78
N PRO A 562 -49.80 29.80 2.81
CA PRO A 562 -50.52 29.52 4.06
C PRO A 562 -49.55 29.15 5.18
N GLU A 563 -49.79 29.73 6.35
CA GLU A 563 -48.94 29.48 7.51
C GLU A 563 -48.77 28.00 7.81
N LYS A 564 -49.84 27.23 7.68
CA LYS A 564 -49.80 25.80 7.97
C LYS A 564 -48.92 25.03 6.99
N ILE A 565 -48.88 25.49 5.76
CA ILE A 565 -48.01 24.93 4.74
C ILE A 565 -46.57 25.22 5.12
N LYS A 566 -46.31 26.45 5.53
CA LYS A 566 -44.95 26.84 5.91
C LYS A 566 -44.43 25.99 7.07
N LYS A 567 -45.28 25.77 8.07
CA LYS A 567 -44.87 25.08 9.27
C LYS A 567 -44.62 23.60 9.01
N VAL A 568 -45.41 23.02 8.12
CA VAL A 568 -45.28 21.60 7.81
C VAL A 568 -44.12 21.32 6.85
N PHE A 569 -44.07 22.08 5.77
CA PHE A 569 -43.08 21.85 4.72
C PHE A 569 -41.79 22.59 5.02
N VAL A 570 -41.14 22.17 6.10
CA VAL A 570 -39.83 22.70 6.44
C VAL A 570 -38.74 21.89 5.76
N VAL A 571 -37.64 22.56 5.45
CA VAL A 571 -36.45 21.88 4.91
C VAL A 571 -35.32 21.96 5.93
N ALA A 572 -34.20 21.33 5.60
CA ALA A 572 -33.10 21.20 6.57
C ALA A 572 -32.73 22.52 7.25
N LEU A 573 -32.53 23.59 6.48
CA LEU A 573 -32.08 24.85 7.07
C LEU A 573 -33.14 25.66 7.81
N ASP A 574 -34.41 25.28 7.67
CA ASP A 574 -35.49 25.85 8.46
C ASP A 574 -35.43 25.32 9.88
N ILE A 575 -34.77 24.19 10.05
CA ILE A 575 -34.77 23.43 11.29
C ILE A 575 -33.51 23.74 12.08
N ASP A 576 -33.64 24.20 13.32
CA ASP A 576 -32.45 24.62 14.05
C ASP A 576 -31.59 23.44 14.53
N PRO A 577 -30.31 23.69 14.80
CA PRO A 577 -29.40 22.60 15.14
C PRO A 577 -29.91 21.72 16.29
N MET A 578 -30.46 22.32 17.33
CA MET A 578 -30.96 21.54 18.47
C MET A 578 -32.12 20.63 18.06
N ASP A 579 -32.97 21.09 17.13
CA ASP A 579 -34.05 20.26 16.62
C ASP A 579 -33.55 19.10 15.74
N HIS A 580 -32.47 19.32 14.99
CA HIS A 580 -31.83 18.20 14.31
C HIS A 580 -31.32 17.19 15.33
N LEU A 581 -30.62 17.68 16.35
CA LEU A 581 -29.98 16.79 17.34
C LEU A 581 -31.02 15.96 18.10
N LEU A 582 -32.10 16.59 18.53
CA LEU A 582 -33.10 15.90 19.33
C LEU A 582 -33.85 14.85 18.50
N MET A 583 -34.01 15.08 17.20
CA MET A 583 -34.58 14.05 16.33
C MET A 583 -33.67 12.83 16.29
N GLN A 584 -32.36 13.07 16.22
CA GLN A 584 -31.37 11.98 16.25
C GLN A 584 -31.49 11.19 17.55
N ASP A 585 -31.63 11.92 18.65
CA ASP A 585 -31.84 11.27 19.95
C ASP A 585 -33.10 10.38 19.95
N ALA A 586 -34.19 10.85 19.34
CA ALA A 586 -35.44 10.10 19.43
C ALA A 586 -35.32 8.75 18.74
N PHE A 587 -34.70 8.74 17.56
CA PHE A 587 -34.42 7.49 16.84
C PHE A 587 -33.40 6.62 17.58
N GLN A 588 -32.30 7.21 18.04
CA GLN A 588 -31.23 6.43 18.66
C GLN A 588 -31.69 5.64 19.90
N ARG A 589 -32.76 6.11 20.55
CA ARG A 589 -33.29 5.41 21.73
C ARG A 589 -33.83 4.03 21.36
N TYR A 590 -34.11 3.81 20.07
CA TYR A 590 -34.66 2.53 19.61
C TYR A 590 -33.89 1.95 18.42
N VAL A 591 -32.61 2.27 18.33
CA VAL A 591 -31.75 1.70 17.31
C VAL A 591 -30.55 1.08 18.01
N ASP A 592 -30.24 -0.18 17.71
CA ASP A 592 -29.19 -0.89 18.42
C ASP A 592 -27.79 -0.68 17.81
N ASN A 593 -27.73 -0.36 16.52
CA ASN A 593 -26.51 0.19 15.97
C ASN A 593 -26.55 1.71 16.09
N ASN A 594 -25.93 2.45 15.18
CA ASN A 594 -25.96 3.91 15.25
C ASN A 594 -26.83 4.56 14.17
N ILE A 595 -26.69 5.87 14.02
CA ILE A 595 -27.50 6.62 13.07
C ILE A 595 -26.70 7.67 12.32
N SER A 596 -26.92 7.76 11.00
CA SER A 596 -26.32 8.81 10.19
C SER A 596 -27.22 10.02 10.24
N LYS A 597 -26.70 11.13 10.74
CA LYS A 597 -27.46 12.36 10.86
C LYS A 597 -26.50 13.52 10.74
N THR A 598 -26.77 14.43 9.80
CA THR A 598 -26.00 15.65 9.70
C THR A 598 -26.71 16.73 10.52
N ILE A 599 -25.99 17.33 11.46
CA ILE A 599 -26.55 18.47 12.19
C ILE A 599 -26.26 19.72 11.38
N ASN A 600 -27.23 20.15 10.58
CA ASN A 600 -27.09 21.35 9.77
C ASN A 600 -27.08 22.60 10.63
N MET A 601 -26.20 23.52 10.28
CA MET A 601 -26.14 24.77 11.00
C MET A 601 -26.12 25.95 10.05
N PRO A 602 -26.82 27.04 10.44
CA PRO A 602 -26.94 28.19 9.55
C PRO A 602 -25.55 28.82 9.37
N GLN A 603 -25.35 29.52 8.25
CA GLN A 603 -24.05 30.14 8.00
C GLN A 603 -23.64 31.11 9.11
N SER A 604 -24.64 31.66 9.80
CA SER A 604 -24.39 32.63 10.85
C SER A 604 -24.08 32.01 12.21
N ALA A 605 -24.03 30.69 12.27
CA ALA A 605 -23.64 29.99 13.50
C ALA A 605 -22.20 30.32 13.87
N THR A 606 -21.92 30.33 15.17
CA THR A 606 -20.57 30.55 15.68
C THR A 606 -19.92 29.24 16.13
N VAL A 607 -18.62 29.27 16.39
CA VAL A 607 -17.96 28.11 17.00
C VAL A 607 -18.57 27.79 18.37
N ASP A 608 -18.95 28.82 19.12
CA ASP A 608 -19.66 28.61 20.37
C ASP A 608 -20.97 27.83 20.14
N ASP A 609 -21.69 28.13 19.06
CA ASP A 609 -22.90 27.36 18.76
C ASP A 609 -22.56 25.90 18.49
N VAL A 610 -21.41 25.65 17.86
CA VAL A 610 -21.03 24.27 17.58
C VAL A 610 -20.69 23.59 18.89
N LEU A 611 -19.98 24.30 19.76
CA LEU A 611 -19.62 23.74 21.06
C LEU A 611 -20.88 23.36 21.84
N ASN A 612 -21.90 24.21 21.75
CA ASN A 612 -23.15 23.92 22.46
C ASN A 612 -23.86 22.68 21.94
N VAL A 613 -23.76 22.43 20.64
CA VAL A 613 -24.29 21.20 20.07
C VAL A 613 -23.54 19.99 20.63
N TYR A 614 -22.21 20.07 20.67
CA TYR A 614 -21.41 18.99 21.25
C TYR A 614 -21.82 18.72 22.70
N LEU A 615 -21.98 19.77 23.49
CA LEU A 615 -22.35 19.58 24.89
C LEU A 615 -23.75 18.98 25.05
N GLU A 616 -24.70 19.41 24.21
CA GLU A 616 -26.05 18.85 24.30
C GLU A 616 -26.02 17.39 23.86
N ALA A 617 -25.17 17.08 22.91
CA ALA A 617 -25.01 15.71 22.39
C ALA A 617 -24.54 14.79 23.49
N LEU A 618 -23.66 15.28 24.35
CA LEU A 618 -23.15 14.47 25.45
C LEU A 618 -24.26 14.19 26.46
N ARG A 619 -25.25 15.07 26.51
CA ARG A 619 -26.35 14.87 27.46
C ARG A 619 -27.47 13.99 26.89
N THR A 620 -27.55 13.90 25.56
CA THR A 620 -28.57 13.10 24.90
C THR A 620 -28.10 11.64 24.76
N ASN A 621 -28.85 10.83 24.04
CA ASN A 621 -28.46 9.43 23.82
C ASN A 621 -27.76 9.17 22.49
N VAL A 622 -27.37 10.21 21.78
CA VAL A 622 -26.69 10.02 20.49
C VAL A 622 -25.34 9.31 20.67
N ARG A 623 -24.95 8.51 19.69
CA ARG A 623 -23.69 7.77 19.79
C ARG A 623 -22.58 8.39 18.96
N GLY A 624 -22.89 9.50 18.29
CA GLY A 624 -21.90 10.21 17.50
C GLY A 624 -22.48 11.51 16.99
N ILE A 625 -21.62 12.38 16.47
CA ILE A 625 -22.04 13.66 15.95
C ILE A 625 -21.31 14.02 14.67
N THR A 626 -22.05 14.51 13.68
CA THR A 626 -21.47 15.13 12.49
C THR A 626 -22.16 16.46 12.31
N VAL A 627 -21.42 17.56 12.16
CA VAL A 627 -22.10 18.82 11.85
C VAL A 627 -21.69 19.39 10.49
N TYR A 628 -22.58 20.16 9.88
CA TYR A 628 -22.18 20.90 8.67
C TYR A 628 -22.78 22.31 8.64
N ARG A 629 -21.90 23.30 8.71
CA ARG A 629 -22.35 24.68 8.63
C ARG A 629 -22.57 25.08 7.18
N ASP A 630 -23.78 25.53 6.88
CA ASP A 630 -24.12 25.97 5.53
C ASP A 630 -23.11 27.01 5.04
N GLY A 631 -22.58 26.80 3.83
CA GLY A 631 -21.69 27.77 3.21
C GLY A 631 -20.26 27.75 3.71
N SER A 632 -19.94 26.87 4.66
CA SER A 632 -18.59 26.80 5.21
C SER A 632 -17.58 26.30 4.15
N LEU A 633 -17.98 25.29 3.39
CA LEU A 633 -17.13 24.74 2.33
C LEU A 633 -17.34 25.48 1.00
N MET B 1 53.62 -10.56 -4.27
CA MET B 1 53.68 -10.58 -2.81
C MET B 1 52.55 -11.45 -2.22
N LYS B 2 52.79 -12.06 -1.07
CA LYS B 2 51.74 -12.84 -0.43
C LYS B 2 50.69 -11.87 0.13
N LEU B 3 49.43 -12.28 0.08
CA LEU B 3 48.36 -11.45 0.61
C LEU B 3 48.64 -11.07 2.07
N SER B 4 49.14 -12.03 2.84
CA SER B 4 49.40 -11.77 4.26
C SER B 4 50.33 -10.57 4.47
N ASP B 5 51.23 -10.34 3.52
CA ASP B 5 52.16 -9.22 3.63
C ASP B 5 51.54 -7.92 3.12
N LEU B 6 50.65 -8.03 2.13
CA LEU B 6 49.90 -6.87 1.69
C LEU B 6 49.00 -6.40 2.84
N ILE B 7 48.38 -7.37 3.51
CA ILE B 7 47.59 -7.05 4.69
C ILE B 7 48.42 -6.23 5.67
N SER B 8 49.66 -6.67 5.93
CA SER B 8 50.49 -5.99 6.92
C SER B 8 50.74 -4.53 6.54
N ARG B 9 50.79 -4.28 5.24
CA ARG B 9 51.01 -2.92 4.74
C ARG B 9 49.83 -1.99 5.04
N TRP B 10 48.62 -2.53 5.08
CA TRP B 10 47.43 -1.70 5.14
C TRP B 10 46.64 -1.78 6.46
N ILE B 11 46.89 -2.84 7.23
CA ILE B 11 46.00 -3.14 8.36
C ILE B 11 46.00 -2.07 9.45
N ASP B 12 47.13 -1.39 9.63
CA ASP B 12 47.22 -0.34 10.64
C ASP B 12 47.18 1.06 10.03
N VAL B 13 46.80 1.14 8.77
CA VAL B 13 46.48 2.42 8.17
C VAL B 13 45.06 2.78 8.59
N GLU B 14 44.93 3.82 9.39
CA GLU B 14 43.67 4.22 10.01
C GLU B 14 42.75 4.92 9.02
N PRO B 15 41.44 4.66 9.10
CA PRO B 15 40.53 5.38 8.21
C PRO B 15 40.73 6.89 8.36
N SER B 16 40.54 7.64 7.28
CA SER B 16 40.64 9.09 7.36
C SER B 16 39.62 9.68 8.34
N LYS B 17 39.83 10.92 8.75
CA LYS B 17 38.86 11.62 9.59
C LYS B 17 37.47 11.63 8.94
N ASN B 18 37.43 11.80 7.62
CA ASN B 18 36.17 11.77 6.91
C ASN B 18 35.47 10.41 6.97
N ALA B 19 36.25 9.35 6.79
CA ALA B 19 35.75 7.99 6.90
C ALA B 19 35.22 7.71 8.31
N GLN B 20 35.97 8.16 9.31
CA GLN B 20 35.58 7.92 10.70
C GLN B 20 34.25 8.58 11.07
N ILE B 21 33.98 9.74 10.48
CA ILE B 21 32.74 10.45 10.72
C ILE B 21 31.57 9.64 10.16
N ILE B 22 31.77 9.12 8.96
CA ILE B 22 30.74 8.31 8.32
C ILE B 22 30.45 7.06 9.15
N LEU B 23 31.52 6.42 9.62
CA LEU B 23 31.40 5.23 10.45
C LEU B 23 30.66 5.51 11.75
N ARG B 24 31.04 6.57 12.43
CA ARG B 24 30.38 6.93 13.69
CA ARG B 24 30.40 6.96 13.68
C ARG B 24 28.92 7.25 13.46
N ASP B 25 28.62 7.94 12.36
CA ASP B 25 27.25 8.33 12.09
C ASP B 25 26.28 7.17 11.80
N ARG B 26 26.72 6.17 11.04
CA ARG B 26 25.79 5.15 10.58
C ARG B 26 26.21 3.69 10.77
N TYR B 27 27.49 3.45 11.04
CA TYR B 27 28.02 2.08 10.96
C TYR B 27 28.33 1.43 12.31
N PHE B 28 28.90 2.19 13.23
CA PHE B 28 29.19 1.69 14.55
C PHE B 28 27.89 1.29 15.26
N MET B 29 27.84 0.04 15.74
CA MET B 29 26.64 -0.46 16.41
C MET B 29 26.38 0.25 17.75
N LYS B 30 25.10 0.50 18.04
CA LYS B 30 24.66 1.06 19.31
C LYS B 30 23.69 0.12 20.00
N ASP B 31 23.54 0.26 21.32
CA ASP B 31 22.53 -0.49 22.04
C ASP B 31 21.18 0.24 21.99
N LEU B 32 20.17 -0.30 22.67
CA LEU B 32 18.83 0.28 22.64
C LEU B 32 18.80 1.73 23.10
N ASP B 33 19.59 2.01 24.13
CA ASP B 33 19.63 3.34 24.74
C ASP B 33 20.49 4.32 23.95
N GLY B 34 21.11 3.84 22.88
CA GLY B 34 21.87 4.70 21.99
C GLY B 34 23.33 4.89 22.35
N ASN B 35 23.85 4.07 23.26
CA ASN B 35 25.28 4.08 23.56
C ASN B 35 26.03 3.28 22.51
N TYR B 36 27.21 3.77 22.14
CA TYR B 36 28.04 3.05 21.18
C TYR B 36 28.56 1.74 21.76
N LEU B 37 28.42 0.65 21.01
CA LEU B 37 29.06 -0.61 21.35
C LEU B 37 30.35 -0.72 20.56
N GLU B 38 30.47 0.09 19.51
CA GLU B 38 31.66 0.12 18.65
C GLU B 38 32.16 1.56 18.54
N THR B 39 33.49 1.72 18.52
CA THR B 39 34.08 3.05 18.40
C THR B 39 35.18 3.12 17.35
N LYS B 40 35.52 1.98 16.76
CA LYS B 40 36.63 1.90 15.79
C LYS B 40 36.29 0.94 14.66
N TRP B 41 36.82 1.22 13.46
CA TRP B 41 36.61 0.32 12.33
C TRP B 41 36.99 -1.11 12.72
N GLU B 42 38.04 -1.24 13.53
CA GLU B 42 38.48 -2.53 14.03
C GLU B 42 37.32 -3.33 14.64
N ASP B 43 36.47 -2.66 15.41
CA ASP B 43 35.31 -3.31 16.03
C ASP B 43 34.33 -3.90 14.99
N VAL B 44 34.03 -3.11 13.96
CA VAL B 44 33.13 -3.55 12.89
C VAL B 44 33.73 -4.77 12.19
N ALA B 45 35.04 -4.68 11.92
CA ALA B 45 35.72 -5.79 11.27
C ALA B 45 35.61 -7.09 12.07
N ARG B 46 35.77 -7.01 13.39
CA ARG B 46 35.67 -8.20 14.24
C ARG B 46 34.27 -8.78 14.19
N ARG B 47 33.28 -7.94 14.47
CA ARG B 47 31.87 -8.38 14.46
C ARG B 47 31.49 -9.06 13.15
N VAL B 48 31.76 -8.38 12.05
CA VAL B 48 31.38 -8.85 10.74
C VAL B 48 32.07 -10.16 10.40
N ALA B 49 33.39 -10.19 10.57
CA ALA B 49 34.19 -11.40 10.37
C ALA B 49 33.66 -12.59 11.15
N ARG B 50 33.35 -12.37 12.43
CA ARG B 50 32.84 -13.42 13.29
C ARG B 50 31.49 -13.96 12.81
N VAL B 51 30.55 -13.05 12.59
CA VAL B 51 29.23 -13.47 12.11
C VAL B 51 29.33 -14.26 10.80
N VAL B 52 30.14 -13.76 9.86
CA VAL B 52 30.23 -14.42 8.56
C VAL B 52 30.99 -15.74 8.63
N ALA B 53 32.00 -15.82 9.50
CA ALA B 53 32.68 -17.09 9.74
C ALA B 53 31.76 -18.19 10.30
N THR B 54 30.73 -17.82 11.05
CA THR B 54 29.87 -18.82 11.68
C THR B 54 29.14 -19.68 10.66
N ALA B 55 28.98 -19.17 9.45
CA ALA B 55 28.45 -19.96 8.34
C ALA B 55 29.21 -21.28 8.16
N GLU B 56 30.49 -21.30 8.54
CA GLU B 56 31.28 -22.52 8.40
C GLU B 56 30.78 -23.67 9.27
N LEU B 57 29.92 -23.36 10.25
CA LEU B 57 29.25 -24.40 11.02
C LEU B 57 28.52 -25.38 10.10
N LEU B 58 28.01 -24.87 8.97
CA LEU B 58 27.26 -25.68 8.04
C LEU B 58 28.10 -26.45 7.03
N ASN B 59 29.42 -26.30 7.11
CA ASN B 59 30.32 -26.90 6.12
C ASN B 59 30.43 -28.41 6.31
N PRO B 60 29.85 -29.19 5.38
CA PRO B 60 29.77 -30.64 5.53
C PRO B 60 31.13 -31.31 5.40
N SER B 61 32.13 -30.58 4.90
CA SER B 61 33.45 -31.15 4.71
C SER B 61 34.25 -31.09 6.02
N TYR B 62 33.75 -30.35 7.00
CA TYR B 62 34.39 -30.26 8.30
C TYR B 62 33.82 -31.29 9.26
N LYS B 63 34.68 -32.09 9.86
CA LYS B 63 34.24 -32.98 10.93
C LYS B 63 33.96 -32.12 12.16
N LYS B 64 33.03 -32.56 13.01
CA LYS B 64 32.71 -31.84 14.22
C LYS B 64 33.98 -31.62 15.05
N ASN B 65 34.94 -32.51 14.86
CA ASN B 65 36.21 -32.47 15.57
C ASN B 65 37.11 -31.29 15.17
N GLU B 66 36.91 -30.77 13.97
CA GLU B 66 37.78 -29.73 13.45
C GLU B 66 37.08 -28.39 13.29
N LYS B 67 35.77 -28.37 13.42
CA LYS B 67 35.00 -27.17 13.14
C LYS B 67 35.51 -25.92 13.85
N LEU B 68 35.84 -26.02 15.13
CA LEU B 68 36.30 -24.85 15.88
C LEU B 68 37.54 -24.21 15.26
N ASP B 69 38.59 -25.02 15.07
CA ASP B 69 39.83 -24.54 14.45
C ASP B 69 39.58 -23.90 13.08
N ARG B 70 38.73 -24.52 12.26
CA ARG B 70 38.46 -24.03 10.91
C ARG B 70 37.71 -22.70 10.95
N ILE B 71 36.69 -22.62 11.79
CA ILE B 71 35.91 -21.40 11.94
C ILE B 71 36.78 -20.25 12.42
N LYS B 72 37.64 -20.52 13.41
CA LYS B 72 38.57 -19.50 13.88
C LYS B 72 39.53 -19.01 12.78
N GLU B 73 39.98 -19.93 11.93
CA GLU B 73 40.87 -19.57 10.83
C GLU B 73 40.20 -18.61 9.85
N TRP B 74 38.97 -18.92 9.49
CA TRP B 74 38.21 -18.07 8.59
C TRP B 74 37.89 -16.72 9.25
N GLU B 75 37.51 -16.75 10.52
CA GLU B 75 37.25 -15.47 11.17
C GLU B 75 38.48 -14.58 11.09
N ASP B 76 39.65 -15.20 11.31
CA ASP B 76 40.91 -14.48 11.37
C ASP B 76 41.24 -13.85 10.02
N ILE B 77 41.16 -14.64 8.95
CA ILE B 77 41.45 -14.10 7.61
C ILE B 77 40.43 -13.04 7.21
N PHE B 78 39.15 -13.30 7.47
CA PHE B 78 38.11 -12.32 7.17
C PHE B 78 38.42 -11.04 7.91
N PHE B 79 38.74 -11.16 9.20
CA PHE B 79 38.99 -9.99 10.02
C PHE B 79 40.14 -9.14 9.50
N ARG B 80 41.25 -9.79 9.14
CA ARG B 80 42.40 -9.05 8.67
C ARG B 80 42.16 -8.35 7.33
N VAL B 81 41.46 -9.00 6.41
CA VAL B 81 41.15 -8.35 5.12
C VAL B 81 40.22 -7.16 5.31
N LEU B 82 39.21 -7.31 6.16
CA LEU B 82 38.28 -6.24 6.45
C LEU B 82 38.99 -5.09 7.14
N LYS B 83 39.81 -5.38 8.15
CA LYS B 83 40.44 -4.29 8.91
C LYS B 83 41.35 -3.48 7.99
N ALA B 84 42.09 -4.19 7.14
CA ALA B 84 42.97 -3.53 6.16
C ALA B 84 42.17 -2.81 5.06
N ARG B 85 40.89 -3.12 4.95
CA ARG B 85 40.03 -2.45 3.96
C ARG B 85 40.44 -2.79 2.53
N LEU B 86 40.91 -4.03 2.36
CA LEU B 86 41.24 -4.54 1.04
C LEU B 86 39.97 -5.03 0.36
N PHE B 87 39.00 -5.47 1.17
CA PHE B 87 37.69 -5.90 0.72
C PHE B 87 36.66 -5.47 1.76
N ILE B 88 35.55 -4.88 1.32
CA ILE B 88 34.46 -4.49 2.22
C ILE B 88 33.14 -4.91 1.60
N PRO B 89 32.27 -5.57 2.39
CA PRO B 89 30.94 -5.98 1.89
C PRO B 89 29.97 -4.81 1.82
N ASN B 90 28.85 -5.02 1.11
CA ASN B 90 27.84 -3.95 1.01
C ASN B 90 27.33 -3.47 2.36
N SER B 91 26.94 -2.20 2.43
CA SER B 91 26.57 -1.59 3.71
C SER B 91 25.68 -2.44 4.63
N PRO B 92 24.64 -3.10 4.07
CA PRO B 92 23.77 -3.84 5.00
C PRO B 92 24.50 -4.92 5.82
N THR B 93 25.50 -5.58 5.25
CA THR B 93 26.29 -6.54 6.02
C THR B 93 26.97 -5.84 7.20
N LEU B 94 27.50 -4.64 6.96
CA LEU B 94 28.12 -3.86 8.01
C LEU B 94 27.13 -3.37 9.07
N PHE B 95 25.97 -2.90 8.63
CA PHE B 95 24.94 -2.40 9.54
C PHE B 95 24.40 -3.50 10.43
N ASN B 96 24.03 -4.62 9.80
CA ASN B 96 23.15 -5.59 10.44
C ASN B 96 23.78 -6.89 10.95
N ALA B 97 25.02 -7.16 10.59
CA ALA B 97 25.67 -8.39 11.07
C ALA B 97 25.66 -8.43 12.59
N GLY B 98 25.16 -9.51 13.16
CA GLY B 98 25.15 -9.66 14.62
C GLY B 98 23.88 -9.19 15.33
N LEU B 99 22.91 -8.65 14.60
CA LEU B 99 21.66 -8.22 15.26
C LEU B 99 21.00 -9.43 15.89
N GLY B 100 20.57 -9.29 17.16
CA GLY B 100 20.00 -10.40 17.90
C GLY B 100 20.97 -11.11 18.85
N VAL B 101 22.26 -11.01 18.54
CA VAL B 101 23.29 -11.76 19.25
C VAL B 101 23.73 -11.06 20.55
N LYS B 102 24.03 -11.84 21.58
CA LYS B 102 24.52 -11.26 22.84
C LYS B 102 25.78 -10.43 22.62
N HIS B 103 25.78 -9.22 23.17
CA HIS B 103 26.91 -8.30 23.00
C HIS B 103 28.24 -8.82 23.56
N ASP B 104 28.21 -9.82 24.44
CA ASP B 104 29.47 -10.36 24.97
C ASP B 104 30.08 -11.45 24.07
N LEU B 105 29.45 -11.72 22.94
CA LEU B 105 29.97 -12.70 22.00
C LEU B 105 30.53 -12.07 20.72
N LEU B 106 30.05 -10.88 20.37
CA LEU B 106 30.35 -10.29 19.07
C LEU B 106 31.78 -9.74 18.95
N TRP B 107 32.39 -9.41 20.08
CA TRP B 107 33.71 -8.78 20.06
C TRP B 107 34.73 -9.47 20.96
N LYS B 108 34.37 -10.63 21.52
CA LYS B 108 35.32 -11.31 22.41
C LYS B 108 36.51 -11.83 21.61
N PRO B 109 37.66 -11.97 22.30
CA PRO B 109 38.88 -12.43 21.62
C PRO B 109 38.66 -13.76 20.92
N ILE B 110 39.17 -13.87 19.70
CA ILE B 110 39.01 -15.08 18.90
C ILE B 110 39.57 -16.34 19.56
N ASP B 111 40.65 -16.22 20.33
CA ASP B 111 41.28 -17.38 20.95
C ASP B 111 40.46 -17.87 22.15
N GLN B 112 39.52 -17.05 22.60
CA GLN B 112 38.62 -17.46 23.68
C GLN B 112 37.32 -18.07 23.15
N MET B 113 37.12 -18.03 21.83
CA MET B 113 35.90 -18.56 21.24
C MET B 113 35.83 -20.08 21.33
N THR B 114 34.64 -20.58 21.67
CA THR B 114 34.39 -22.01 21.71
C THR B 114 33.41 -22.37 20.60
N LEU B 115 33.22 -23.66 20.38
CA LEU B 115 32.26 -24.12 19.39
C LEU B 115 30.85 -23.68 19.80
N GLU B 116 30.58 -23.72 21.10
CA GLU B 116 29.29 -23.27 21.63
C GLU B 116 29.05 -21.78 21.42
N ASP B 117 30.11 -20.98 21.51
CA ASP B 117 29.99 -19.54 21.26
C ASP B 117 29.49 -19.30 19.84
N TYR B 118 30.09 -20.01 18.88
CA TYR B 118 29.73 -19.84 17.48
C TYR B 118 28.31 -20.33 17.19
N GLU B 119 27.94 -21.46 17.78
CA GLU B 119 26.59 -21.98 17.59
C GLU B 119 25.55 -21.02 18.15
N GLU B 120 25.88 -20.36 19.25
CA GLU B 120 24.95 -19.42 19.86
C GLU B 120 24.79 -18.18 18.99
N ILE B 121 25.89 -17.72 18.41
CA ILE B 121 25.84 -16.62 17.47
C ILE B 121 24.91 -17.00 16.33
N TYR B 122 25.10 -18.21 15.81
CA TYR B 122 24.33 -18.64 14.65
C TYR B 122 22.84 -18.72 14.97
N ARG B 123 22.52 -19.23 16.16
CA ARG B 123 21.13 -19.44 16.55
C ARG B 123 20.41 -18.16 16.93
N SER B 124 21.16 -17.12 17.28
CA SER B 124 20.56 -15.92 17.87
C SER B 124 20.32 -14.78 16.89
N ARG B 125 20.68 -14.99 15.63
CA ARG B 125 20.44 -14.01 14.57
C ARG B 125 18.94 -13.72 14.50
N ASN B 126 18.55 -12.45 14.58
CA ASN B 126 17.12 -12.11 14.62
C ASN B 126 16.51 -11.78 13.24
N HIS B 127 15.24 -11.45 13.21
CA HIS B 127 14.55 -11.29 11.93
C HIS B 127 14.98 -10.04 11.16
N LEU B 128 15.87 -9.25 11.76
CA LEU B 128 16.36 -8.02 11.16
C LEU B 128 17.75 -8.21 10.57
N HIS B 129 18.26 -9.43 10.68
CA HIS B 129 19.64 -9.78 10.36
C HIS B 129 19.82 -9.85 8.85
N MET B 130 19.62 -8.72 8.18
CA MET B 130 19.51 -8.68 6.72
C MET B 130 20.76 -8.06 6.11
N LEU B 131 21.48 -8.84 5.32
CA LEU B 131 22.85 -8.50 4.95
C LEU B 131 23.07 -8.23 3.47
N SER B 132 21.99 -8.18 2.69
CA SER B 132 22.08 -8.04 1.23
C SER B 132 21.51 -6.74 0.75
N ALA B 133 22.15 -6.13 -0.24
CA ALA B 133 21.70 -4.83 -0.70
C ALA B 133 20.66 -4.85 -1.84
N CYS B 134 20.51 -5.96 -2.55
CA CYS B 134 19.78 -5.95 -3.83
C CYS B 134 18.61 -6.92 -3.90
N PHE B 135 17.45 -6.38 -4.28
CA PHE B 135 16.21 -7.15 -4.32
C PHE B 135 15.43 -6.85 -5.60
N VAL B 136 14.78 -7.87 -6.15
CA VAL B 136 13.69 -7.64 -7.11
C VAL B 136 12.44 -8.43 -6.72
N VAL B 137 11.28 -7.79 -6.76
CA VAL B 137 10.02 -8.52 -6.64
C VAL B 137 9.10 -8.20 -7.82
N PRO B 138 8.23 -9.15 -8.19
CA PRO B 138 7.25 -8.93 -9.26
C PRO B 138 6.08 -8.06 -8.78
N VAL B 139 5.39 -7.43 -9.74
CA VAL B 139 4.17 -6.71 -9.46
C VAL B 139 3.09 -7.16 -10.43
N GLY B 140 2.34 -8.19 -10.03
CA GLY B 140 1.35 -8.81 -10.90
C GLY B 140 0.15 -7.93 -11.19
N ASP B 141 -0.56 -8.26 -12.26
CA ASP B 141 -1.63 -7.41 -12.79
C ASP B 141 -2.95 -7.61 -12.05
N SER B 142 -2.94 -7.46 -10.73
CA SER B 142 -4.18 -7.50 -9.94
C SER B 142 -4.06 -6.65 -8.68
N ILE B 143 -5.17 -6.19 -8.13
CA ILE B 143 -5.13 -5.38 -6.91
C ILE B 143 -4.47 -6.17 -5.79
N GLU B 144 -4.79 -7.46 -5.70
CA GLU B 144 -4.21 -8.33 -4.69
C GLU B 144 -2.67 -8.34 -4.80
N GLU B 145 -2.18 -8.55 -6.02
CA GLU B 145 -0.74 -8.64 -6.22
C GLU B 145 -0.03 -7.32 -6.06
N ILE B 146 -0.63 -6.25 -6.57
CA ILE B 146 -0.05 -4.92 -6.42
C ILE B 146 0.16 -4.54 -4.96
N PHE B 147 -0.86 -4.71 -4.14
CA PHE B 147 -0.74 -4.27 -2.75
C PHE B 147 0.08 -5.21 -1.88
N GLU B 148 0.19 -6.47 -2.27
CA GLU B 148 1.13 -7.35 -1.62
C GLU B 148 2.56 -6.87 -1.91
N ALA B 149 2.78 -6.40 -3.15
CA ALA B 149 4.09 -5.92 -3.54
C ALA B 149 4.41 -4.63 -2.82
N VAL B 150 3.41 -3.77 -2.62
CA VAL B 150 3.64 -2.58 -1.82
C VAL B 150 4.11 -2.97 -0.42
N LYS B 151 3.45 -3.97 0.16
CA LYS B 151 3.85 -4.42 1.49
C LYS B 151 5.28 -4.95 1.48
N GLU B 152 5.63 -5.72 0.44
CA GLU B 152 6.98 -6.23 0.32
C GLU B 152 8.00 -5.11 0.24
N TYR B 153 7.70 -4.09 -0.56
CA TYR B 153 8.58 -2.93 -0.63
C TYR B 153 8.85 -2.35 0.76
N ALA B 154 7.78 -2.16 1.53
CA ALA B 154 7.91 -1.63 2.89
C ALA B 154 8.78 -2.52 3.77
N LEU B 155 8.57 -3.84 3.70
CA LEU B 155 9.29 -4.77 4.57
C LEU B 155 10.79 -4.78 4.25
N ILE B 156 11.08 -4.72 2.95
CA ILE B 156 12.45 -4.73 2.46
C ILE B 156 13.14 -3.43 2.83
N THR B 157 12.44 -2.32 2.63
CA THR B 157 12.99 -1.00 2.95
C THR B 157 13.33 -0.89 4.45
N LYS B 158 12.42 -1.36 5.30
CA LYS B 158 12.59 -1.35 6.74
C LYS B 158 13.91 -2.01 7.20
N VAL B 159 14.28 -3.13 6.59
CA VAL B 159 15.52 -3.82 6.99
C VAL B 159 16.77 -3.36 6.22
N GLY B 160 16.58 -2.44 5.28
CA GLY B 160 17.71 -1.79 4.64
C GLY B 160 18.06 -2.23 3.23
N GLY B 161 17.14 -2.89 2.52
CA GLY B 161 17.40 -3.35 1.17
C GLY B 161 16.98 -2.35 0.10
N GLY B 162 17.59 -2.44 -1.08
CA GLY B 162 17.13 -1.66 -2.22
C GLY B 162 16.35 -2.61 -3.12
N VAL B 163 15.20 -2.18 -3.62
CA VAL B 163 14.35 -3.10 -4.36
C VAL B 163 13.88 -2.51 -5.70
N GLY B 164 13.82 -3.35 -6.73
CA GLY B 164 13.32 -2.94 -8.04
C GLY B 164 12.19 -3.82 -8.53
N SER B 165 11.37 -3.29 -9.45
CA SER B 165 10.36 -4.10 -10.13
C SER B 165 10.18 -3.65 -11.57
N ASN B 166 9.82 -4.60 -12.42
CA ASN B 166 9.33 -4.27 -13.75
C ASN B 166 7.81 -4.16 -13.62
N PHE B 167 7.27 -3.00 -14.00
CA PHE B 167 5.84 -2.73 -13.82
C PHE B 167 5.03 -3.05 -15.07
N SER B 168 5.66 -3.67 -16.06
CA SER B 168 4.98 -3.91 -17.33
C SER B 168 3.78 -4.89 -17.31
N GLU B 169 3.65 -5.69 -16.25
CA GLU B 169 2.51 -6.61 -16.18
C GLU B 169 1.19 -5.85 -15.98
N LEU B 170 1.28 -4.68 -15.37
CA LEU B 170 0.09 -3.88 -15.10
C LEU B 170 -0.46 -3.34 -16.41
N ARG B 171 -1.73 -3.61 -16.65
CA ARG B 171 -2.36 -3.25 -17.90
C ARG B 171 -2.40 -1.72 -18.04
N PRO B 172 -2.38 -1.22 -19.28
CA PRO B 172 -2.25 0.21 -19.51
C PRO B 172 -3.44 1.01 -19.01
N LYS B 173 -3.24 2.30 -18.83
CA LYS B 173 -4.28 3.20 -18.37
C LYS B 173 -5.45 3.19 -19.35
N GLY B 174 -6.66 3.06 -18.83
CA GLY B 174 -7.85 3.04 -19.68
C GLY B 174 -8.29 1.64 -20.04
N SER B 175 -7.47 0.64 -19.69
CA SER B 175 -7.80 -0.75 -20.01
C SER B 175 -9.01 -1.24 -19.23
N PHE B 176 -9.78 -2.12 -19.87
CA PHE B 176 -10.95 -2.72 -19.24
C PHE B 176 -10.57 -3.54 -18.01
N VAL B 177 -11.34 -3.37 -16.95
CA VAL B 177 -11.21 -4.21 -15.76
C VAL B 177 -12.49 -5.01 -15.63
N ALA B 178 -12.43 -6.30 -15.93
CA ALA B 178 -13.64 -7.12 -16.01
C ALA B 178 -14.37 -7.23 -14.67
N GLY B 179 -13.61 -7.27 -13.57
CA GLY B 179 -14.22 -7.37 -12.25
C GLY B 179 -15.16 -6.22 -11.93
N THR B 180 -14.83 -5.02 -12.39
CA THR B 180 -15.59 -3.83 -12.04
C THR B 180 -16.21 -3.11 -13.24
N HIS B 181 -15.98 -3.64 -14.44
CA HIS B 181 -16.35 -2.95 -15.68
C HIS B 181 -15.73 -1.55 -15.76
N GLY B 182 -14.64 -1.33 -15.03
CA GLY B 182 -14.03 -0.01 -14.96
C GLY B 182 -12.85 0.14 -15.89
N LYS B 183 -12.11 1.24 -15.71
CA LYS B 183 -10.90 1.51 -16.49
C LYS B 183 -9.70 1.41 -15.56
N ALA B 184 -8.65 0.78 -16.04
CA ALA B 184 -7.45 0.59 -15.24
C ALA B 184 -6.69 1.90 -15.08
N SER B 185 -6.06 2.10 -13.93
CA SER B 185 -5.27 3.31 -13.65
C SER B 185 -3.92 3.35 -14.38
N GLY B 186 -3.37 2.17 -14.67
CA GLY B 186 -2.09 2.08 -15.38
C GLY B 186 -0.90 1.99 -14.44
N PRO B 187 0.23 1.45 -14.92
CA PRO B 187 1.39 1.30 -14.03
C PRO B 187 1.92 2.59 -13.39
N VAL B 188 1.94 3.70 -14.12
CA VAL B 188 2.53 4.94 -13.57
C VAL B 188 1.76 5.42 -12.32
N SER B 189 0.43 5.39 -12.40
CA SER B 189 -0.39 5.74 -11.24
C SER B 189 -0.10 4.84 -10.05
N PHE B 190 0.02 3.54 -10.29
CA PHE B 190 0.39 2.63 -9.20
C PHE B 190 1.77 2.86 -8.62
N MET B 191 2.73 3.24 -9.45
CA MET B 191 4.07 3.55 -8.96
C MET B 191 4.05 4.68 -7.93
N HIS B 192 3.16 5.64 -8.11
CA HIS B 192 3.00 6.73 -7.16
C HIS B 192 2.62 6.21 -5.77
N VAL B 193 1.84 5.14 -5.72
CA VAL B 193 1.44 4.56 -4.44
C VAL B 193 2.65 3.88 -3.79
N PHE B 194 3.47 3.18 -4.57
CA PHE B 194 4.71 2.62 -4.03
C PHE B 194 5.59 3.74 -3.46
N ASN B 195 5.67 4.86 -4.18
CA ASN B 195 6.45 5.98 -3.70
C ASN B 195 5.94 6.57 -2.38
N SER B 196 4.63 6.72 -2.27
CA SER B 196 4.01 7.20 -1.04
C SER B 196 4.28 6.28 0.14
N ALA B 197 4.22 4.97 -0.10
CA ALA B 197 4.51 4.01 0.97
C ALA B 197 5.93 4.14 1.50
N ILE B 198 6.88 4.35 0.57
CA ILE B 198 8.28 4.37 0.93
C ILE B 198 8.65 5.74 1.52
N SER B 199 7.79 6.74 1.30
CA SER B 199 7.98 8.02 1.99
C SER B 199 7.86 7.90 3.52
N VAL B 200 7.21 6.86 4.02
CA VAL B 200 7.06 6.72 5.48
C VAL B 200 7.75 5.49 6.07
N VAL B 201 8.61 4.85 5.29
CA VAL B 201 9.32 3.69 5.80
C VAL B 201 10.79 3.86 5.48
N LYS B 202 11.65 3.53 6.44
CA LYS B 202 13.08 3.62 6.23
C LYS B 202 13.80 2.82 7.30
N GLN B 203 15.10 2.63 7.12
CA GLN B 203 15.91 1.99 8.13
C GLN B 203 16.45 3.07 9.06
N GLY B 204 15.54 3.66 9.85
CA GLY B 204 15.89 4.77 10.73
C GLY B 204 16.70 5.83 10.00
N SER B 205 17.74 6.33 10.65
CA SER B 205 18.57 7.37 10.06
C SER B 205 19.74 6.78 9.27
N ARG B 206 19.83 5.47 9.24
CA ARG B 206 20.92 4.83 8.52
C ARG B 206 20.73 4.80 7.02
N ARG B 207 19.49 4.57 6.58
CA ARG B 207 19.25 4.26 5.17
C ARG B 207 17.79 4.48 4.75
N ARG B 208 17.57 5.50 3.92
CA ARG B 208 16.26 5.73 3.31
C ARG B 208 16.01 4.70 2.22
N GLY B 209 14.79 4.65 1.71
CA GLY B 209 14.46 3.67 0.70
C GLY B 209 15.09 4.04 -0.62
N ALA B 210 15.30 3.03 -1.46
CA ALA B 210 15.87 3.24 -2.79
C ALA B 210 15.25 2.23 -3.73
N LEU B 211 14.63 2.70 -4.81
CA LEU B 211 13.81 1.85 -5.64
C LEU B 211 14.22 1.94 -7.11
N MET B 212 13.98 0.86 -7.86
CA MET B 212 14.06 0.90 -9.32
C MET B 212 12.69 0.56 -9.92
N GLY B 213 12.27 1.31 -10.93
CA GLY B 213 11.04 1.06 -11.63
C GLY B 213 11.33 0.98 -13.12
N ILE B 214 11.00 -0.16 -13.73
CA ILE B 214 11.21 -0.36 -15.17
C ILE B 214 9.86 -0.53 -15.85
N LEU B 215 9.72 0.02 -17.05
CA LEU B 215 8.57 -0.26 -17.89
C LEU B 215 9.13 -0.55 -19.27
N ASN B 216 8.62 -1.61 -19.90
CA ASN B 216 9.20 -2.06 -21.17
C ASN B 216 8.84 -1.13 -22.33
N ILE B 217 9.76 -1.02 -23.27
CA ILE B 217 9.64 -0.13 -24.45
C ILE B 217 8.34 -0.28 -25.25
N ASN B 218 7.77 -1.48 -25.28
CA ASN B 218 6.56 -1.71 -26.08
C ASN B 218 5.26 -1.63 -25.28
N HIS B 219 5.33 -1.10 -24.05
CA HIS B 219 4.13 -0.93 -23.23
C HIS B 219 3.37 0.29 -23.71
N PRO B 220 2.03 0.19 -23.84
CA PRO B 220 1.27 1.32 -24.35
C PRO B 220 1.38 2.61 -23.53
N ASP B 221 1.77 2.51 -22.25
CA ASP B 221 1.96 3.71 -21.44
C ASP B 221 3.44 4.13 -21.38
N ILE B 222 4.25 3.65 -22.32
CA ILE B 222 5.70 3.92 -22.24
C ILE B 222 5.97 5.41 -22.34
N GLU B 223 5.19 6.12 -23.16
CA GLU B 223 5.41 7.56 -23.33
C GLU B 223 5.16 8.33 -22.02
N GLU B 224 4.09 7.97 -21.31
CA GLU B 224 3.80 8.55 -20.01
C GLU B 224 4.92 8.24 -19.01
N PHE B 225 5.40 7.00 -19.04
CA PHE B 225 6.49 6.56 -18.17
C PHE B 225 7.77 7.36 -18.40
N ILE B 226 8.13 7.58 -19.67
CA ILE B 226 9.33 8.33 -20.01
C ILE B 226 9.31 9.77 -19.46
N ASP B 227 8.11 10.35 -19.39
CA ASP B 227 7.91 11.71 -18.89
C ASP B 227 7.54 11.76 -17.41
N ALA B 228 7.50 10.61 -16.74
CA ALA B 228 6.91 10.54 -15.40
C ALA B 228 7.57 11.45 -14.35
N LYS B 229 8.84 11.79 -14.55
CA LYS B 229 9.55 12.58 -13.56
C LYS B 229 9.73 14.06 -13.91
N LYS B 230 8.61 14.75 -14.12
CA LYS B 230 8.61 16.22 -14.28
C LYS B 230 7.26 16.74 -14.78
N VAL B 237 6.73 13.16 -5.69
CA VAL B 237 6.25 12.55 -6.93
C VAL B 237 6.72 11.09 -7.03
N LEU B 238 7.89 10.88 -7.63
CA LEU B 238 8.54 9.56 -7.71
C LEU B 238 9.98 9.70 -7.23
N ASN B 239 10.17 10.46 -6.16
CA ASN B 239 11.51 10.77 -5.67
C ASN B 239 12.32 9.57 -5.18
N PHE B 240 11.65 8.51 -4.73
CA PHE B 240 12.39 7.32 -4.31
C PHE B 240 12.78 6.38 -5.47
N PHE B 241 12.26 6.66 -6.65
CA PHE B 241 12.52 5.82 -7.83
C PHE B 241 13.65 6.31 -8.73
N ASN B 242 14.53 5.39 -9.12
CA ASN B 242 15.23 5.50 -10.39
C ASN B 242 14.31 4.83 -11.41
N LEU B 243 14.31 5.32 -12.65
CA LEU B 243 13.48 4.74 -13.71
C LEU B 243 14.33 4.35 -14.90
N SER B 244 14.14 3.15 -15.42
CA SER B 244 14.71 2.77 -16.72
C SER B 244 13.67 2.13 -17.64
N VAL B 245 13.89 2.29 -18.95
CA VAL B 245 13.06 1.69 -19.97
C VAL B 245 13.61 0.30 -20.25
N GLY B 246 12.73 -0.70 -20.19
CA GLY B 246 13.14 -2.08 -20.39
C GLY B 246 13.15 -2.49 -21.85
N PHE B 247 14.22 -3.20 -22.25
CA PHE B 247 14.31 -3.78 -23.59
C PHE B 247 14.47 -5.29 -23.48
N PRO B 248 13.34 -6.02 -23.44
CA PRO B 248 13.31 -7.48 -23.32
C PRO B 248 13.83 -8.16 -24.57
N MET B 249 13.74 -7.50 -25.72
CA MET B 249 14.21 -8.06 -27.00
C MET B 249 15.73 -7.92 -27.15
N ASP B 250 16.30 -8.61 -28.14
CA ASP B 250 17.73 -8.49 -28.45
C ASP B 250 18.12 -7.06 -28.79
N LYS B 251 19.26 -6.62 -28.26
CA LYS B 251 19.77 -5.29 -28.58
C LYS B 251 19.90 -5.11 -30.11
N LYS B 252 20.26 -6.18 -30.81
CA LYS B 252 20.52 -6.05 -32.23
C LYS B 252 19.23 -5.84 -33.01
N GLU B 253 18.13 -6.33 -32.44
CA GLU B 253 16.83 -6.20 -33.07
C GLU B 253 16.33 -4.77 -32.96
N ILE B 254 16.51 -4.18 -31.79
CA ILE B 254 16.19 -2.78 -31.54
C ILE B 254 17.07 -1.82 -32.34
N LEU B 255 18.36 -2.12 -32.44
CA LEU B 255 19.27 -1.31 -33.25
C LEU B 255 18.89 -1.34 -34.73
N LYS B 256 18.57 -2.52 -35.23
CA LYS B 256 18.13 -2.68 -36.61
C LYS B 256 16.85 -1.91 -36.88
N LEU B 257 15.92 -1.96 -35.93
CA LEU B 257 14.65 -1.25 -36.07
C LEU B 257 14.94 0.25 -36.22
N TYR B 258 15.84 0.75 -35.37
CA TYR B 258 16.20 2.16 -35.39
C TYR B 258 16.85 2.55 -36.72
N GLU B 259 17.82 1.76 -37.16
CA GLU B 259 18.54 2.09 -38.39
C GLU B 259 17.63 2.04 -39.61
N GLU B 260 16.57 1.24 -39.53
CA GLU B 260 15.65 1.11 -40.65
C GLU B 260 14.43 2.01 -40.49
N ASP B 261 14.44 2.82 -39.43
CA ASP B 261 13.38 3.78 -39.19
C ASP B 261 12.03 3.06 -39.07
N GLY B 262 12.03 1.93 -38.37
CA GLY B 262 10.84 1.13 -38.24
C GLY B 262 9.91 1.60 -37.15
N GLU B 263 8.80 0.89 -37.00
CA GLU B 263 7.79 1.21 -36.00
C GLU B 263 7.69 0.09 -34.96
N LEU B 264 7.44 0.48 -33.72
CA LEU B 264 7.20 -0.49 -32.65
C LEU B 264 5.70 -0.56 -32.38
N GLU B 265 5.17 -1.77 -32.29
CA GLU B 265 3.79 -1.98 -31.87
C GLU B 265 3.72 -1.93 -30.35
N LEU B 266 3.00 -0.95 -29.80
CA LEU B 266 2.77 -0.87 -28.37
C LEU B 266 1.50 -1.68 -28.07
N SER B 267 1.60 -2.68 -27.22
CA SER B 267 0.45 -3.50 -26.89
C SER B 267 0.60 -4.20 -25.55
N HIS B 268 -0.47 -4.85 -25.08
CA HIS B 268 -0.45 -5.54 -23.81
C HIS B 268 -1.43 -6.71 -23.85
N PRO B 269 -1.04 -7.84 -23.24
CA PRO B 269 -1.85 -9.06 -23.31
C PRO B 269 -3.23 -8.96 -22.64
N ARG B 270 -3.44 -8.00 -21.75
CA ARG B 270 -4.73 -7.88 -21.08
C ARG B 270 -5.36 -6.51 -21.33
N SER B 271 -5.23 -6.04 -22.57
CA SER B 271 -5.79 -4.77 -22.97
C SER B 271 -6.03 -4.78 -24.46
N THR B 272 -7.03 -4.02 -24.91
CA THR B 272 -7.27 -3.83 -26.33
C THR B 272 -6.52 -2.60 -26.84
N ILE B 273 -6.00 -1.81 -25.91
CA ILE B 273 -5.27 -0.59 -26.28
C ILE B 273 -4.01 -0.94 -27.09
N ARG B 274 -4.01 -0.51 -28.35
CA ARG B 274 -2.91 -0.78 -29.28
C ARG B 274 -2.46 0.50 -29.96
N LYS B 275 -1.18 0.57 -30.31
CA LYS B 275 -0.65 1.77 -30.93
C LYS B 275 0.67 1.49 -31.65
N LYS B 276 0.91 2.16 -32.77
CA LYS B 276 2.19 2.07 -33.47
C LYS B 276 2.93 3.38 -33.28
N VAL B 277 4.21 3.29 -32.92
CA VAL B 277 5.04 4.46 -32.81
C VAL B 277 6.37 4.22 -33.53
N LYS B 278 6.95 5.28 -34.08
CA LYS B 278 8.27 5.19 -34.70
C LYS B 278 9.35 5.07 -33.63
N ILE B 279 10.15 4.01 -33.70
CA ILE B 279 11.17 3.75 -32.69
C ILE B 279 12.14 4.93 -32.57
N ARG B 280 12.41 5.61 -33.68
CA ARG B 280 13.25 6.80 -33.60
C ARG B 280 12.63 7.88 -32.71
N GLU B 281 11.32 8.07 -32.81
CA GLU B 281 10.63 9.10 -32.05
C GLU B 281 10.66 8.77 -30.55
N LEU B 282 10.44 7.50 -30.22
CA LEU B 282 10.49 7.04 -28.83
C LEU B 282 11.87 7.31 -28.24
N PHE B 283 12.92 6.96 -28.99
CA PHE B 283 14.29 7.17 -28.52
C PHE B 283 14.58 8.66 -28.31
N ARG B 284 14.06 9.50 -29.19
CA ARG B 284 14.32 10.93 -29.04
C ARG B 284 13.63 11.44 -27.79
N LYS B 285 12.48 10.85 -27.46
CA LYS B 285 11.74 11.24 -26.27
C LYS B 285 12.54 10.84 -25.02
N ILE B 286 13.07 9.63 -25.01
CA ILE B 286 13.90 9.18 -23.91
C ILE B 286 15.13 10.07 -23.79
N ALA B 287 15.83 10.29 -24.91
CA ALA B 287 17.06 11.08 -24.91
C ALA B 287 16.79 12.51 -24.45
N THR B 288 15.64 13.04 -24.85
CA THR B 288 15.28 14.41 -24.49
C THR B 288 15.10 14.54 -22.96
N ASN B 289 14.42 13.57 -22.37
CA ASN B 289 14.19 13.57 -20.93
C ASN B 289 15.49 13.34 -20.16
N ALA B 290 16.31 12.41 -20.65
CA ALA B 290 17.60 12.14 -20.05
C ALA B 290 18.50 13.38 -20.08
N TRP B 291 18.50 14.07 -21.22
CA TRP B 291 19.24 15.32 -21.39
C TRP B 291 18.80 16.38 -20.37
N LYS B 292 17.51 16.40 -20.06
CA LYS B 292 16.94 17.38 -19.13
C LYS B 292 17.24 17.05 -17.67
N SER B 293 17.08 15.78 -17.30
CA SER B 293 16.98 15.45 -15.88
C SER B 293 17.67 14.16 -15.47
N GLY B 294 18.18 13.40 -16.43
CA GLY B 294 18.98 12.23 -16.10
C GLY B 294 18.25 10.90 -16.09
N ASP B 295 16.92 10.95 -16.17
CA ASP B 295 16.10 9.76 -16.28
C ASP B 295 15.25 9.86 -17.56
N PRO B 296 14.80 8.71 -18.09
CA PRO B 296 15.09 7.36 -17.57
C PRO B 296 16.33 6.77 -18.23
N GLY B 297 16.92 5.76 -17.60
CA GLY B 297 18.01 5.03 -18.22
C GLY B 297 17.48 3.94 -19.14
N LEU B 298 18.40 3.13 -19.66
CA LEU B 298 18.05 1.99 -20.49
C LEU B 298 18.49 0.69 -19.84
N ALA B 299 17.60 -0.29 -19.83
CA ALA B 299 17.89 -1.59 -19.25
C ALA B 299 17.77 -2.66 -20.32
N PHE B 300 18.91 -3.19 -20.77
CA PHE B 300 18.90 -4.21 -21.83
C PHE B 300 18.65 -5.59 -21.23
N LEU B 301 17.39 -5.82 -20.87
CA LEU B 301 16.95 -7.07 -20.25
C LEU B 301 17.22 -8.28 -21.14
N GLY B 302 16.99 -8.14 -22.45
CA GLY B 302 17.26 -9.23 -23.36
C GLY B 302 18.72 -9.65 -23.26
N GLU B 303 19.61 -8.66 -23.18
CA GLU B 303 21.05 -8.91 -23.07
C GLU B 303 21.38 -9.56 -21.73
N MET B 304 20.63 -9.23 -20.68
CA MET B 304 20.87 -9.87 -19.39
C MET B 304 20.49 -11.34 -19.49
N ASN B 305 19.37 -11.61 -20.14
CA ASN B 305 18.90 -12.98 -20.25
C ASN B 305 19.75 -13.84 -21.18
N LYS B 306 20.36 -13.22 -22.17
CA LYS B 306 21.31 -13.89 -23.06
C LYS B 306 22.42 -14.57 -22.25
N TYR B 307 22.77 -13.98 -21.10
CA TYR B 307 23.87 -14.52 -20.28
C TYR B 307 23.42 -15.08 -18.94
N TYR B 308 22.12 -15.25 -18.78
CA TYR B 308 21.54 -15.76 -17.52
C TYR B 308 21.53 -17.27 -17.60
N PRO B 309 22.28 -17.95 -16.72
CA PRO B 309 22.41 -19.41 -16.82
C PRO B 309 21.08 -20.16 -16.69
N LEU B 310 20.06 -19.54 -16.09
CA LEU B 310 18.78 -20.22 -15.86
C LEU B 310 17.68 -19.83 -16.86
N TYR B 311 18.03 -18.99 -17.82
CA TYR B 311 17.08 -18.58 -18.86
C TYR B 311 16.99 -19.71 -19.89
N PRO B 312 15.78 -19.96 -20.43
CA PRO B 312 14.53 -19.20 -20.24
C PRO B 312 13.59 -19.73 -19.16
N HIS B 313 13.95 -20.77 -18.41
CA HIS B 313 13.03 -21.25 -17.39
C HIS B 313 12.80 -20.21 -16.28
N ARG B 314 13.88 -19.55 -15.86
CA ARG B 314 13.77 -18.33 -15.06
C ARG B 314 14.07 -17.16 -15.97
N LYS B 315 13.60 -15.98 -15.58
CA LYS B 315 13.78 -14.80 -16.42
C LYS B 315 14.07 -13.56 -15.61
N ILE B 316 15.06 -12.80 -16.06
CA ILE B 316 15.37 -11.49 -15.47
C ILE B 316 14.45 -10.43 -16.08
N ASN B 317 13.61 -9.79 -15.25
CA ASN B 317 12.69 -8.73 -15.72
C ASN B 317 13.10 -7.36 -15.21
N SER B 318 14.01 -7.33 -14.26
CA SER B 318 14.31 -6.06 -13.61
C SER B 318 15.70 -6.09 -12.97
N THR B 319 16.24 -4.90 -12.69
CA THR B 319 17.44 -4.78 -11.87
C THR B 319 17.05 -4.20 -10.50
N ASN B 320 18.01 -4.18 -9.57
CA ASN B 320 17.88 -3.46 -8.31
C ASN B 320 18.08 -1.98 -8.62
N PRO B 321 18.03 -1.09 -7.59
CA PRO B 321 18.05 0.36 -7.82
C PRO B 321 19.18 0.97 -8.68
N CYS B 322 20.43 0.51 -8.56
CA CYS B 322 21.50 1.13 -9.34
C CYS B 322 21.88 0.31 -10.58
N GLY B 323 21.05 -0.68 -10.91
CA GLY B 323 21.13 -1.39 -12.17
C GLY B 323 22.18 -2.48 -12.23
N GLU B 324 22.93 -2.67 -11.16
CA GLU B 324 24.13 -3.50 -11.27
C GLU B 324 23.85 -5.01 -11.22
N ILE B 325 22.67 -5.39 -10.70
CA ILE B 325 22.30 -6.81 -10.71
C ILE B 325 20.97 -7.03 -11.40
N GLY B 326 20.96 -7.87 -12.43
CA GLY B 326 19.72 -8.33 -13.01
C GLY B 326 19.22 -9.52 -12.21
N LEU B 327 17.99 -9.45 -11.73
CA LEU B 327 17.50 -10.43 -10.77
C LEU B 327 16.19 -11.04 -11.23
N SER B 328 16.04 -12.36 -11.05
CA SER B 328 14.74 -12.98 -11.30
C SER B 328 13.78 -12.63 -10.18
N ASP B 329 12.51 -13.00 -10.34
CA ASP B 329 11.50 -12.62 -9.34
C ASP B 329 11.79 -13.17 -7.95
N TYR B 330 11.80 -12.28 -6.96
CA TYR B 330 12.03 -12.61 -5.54
C TYR B 330 13.49 -12.87 -5.24
N GLU B 331 14.34 -12.74 -6.26
CA GLU B 331 15.75 -12.99 -6.02
C GLU B 331 16.41 -11.78 -5.35
N ALA B 332 17.39 -12.04 -4.50
CA ALA B 332 18.16 -10.97 -3.90
C ALA B 332 19.63 -11.28 -4.13
N CYS B 333 20.50 -10.31 -3.89
CA CYS B 333 21.93 -10.52 -4.05
C CYS B 333 22.73 -9.67 -3.07
N ASN B 334 23.78 -10.26 -2.47
CA ASN B 334 24.68 -9.52 -1.61
C ASN B 334 26.00 -9.20 -2.33
N LEU B 335 26.51 -8.00 -2.08
CA LEU B 335 27.67 -7.47 -2.80
C LEU B 335 28.85 -7.28 -1.85
N GLY B 336 30.05 -7.20 -2.45
CA GLY B 336 31.25 -6.82 -1.71
C GLY B 336 32.27 -6.36 -2.75
N SER B 337 33.16 -5.44 -2.37
CA SER B 337 34.11 -4.89 -3.34
C SER B 337 35.55 -4.90 -2.84
N ILE B 338 36.47 -5.20 -3.75
CA ILE B 338 37.91 -5.18 -3.49
C ILE B 338 38.47 -3.84 -3.93
N ASP B 339 39.28 -3.22 -3.06
CA ASP B 339 39.91 -1.96 -3.41
C ASP B 339 41.19 -2.24 -4.17
N VAL B 340 41.11 -2.17 -5.49
CA VAL B 340 42.27 -2.54 -6.30
C VAL B 340 43.40 -1.53 -6.22
N ALA B 341 43.14 -0.32 -5.73
CA ALA B 341 44.21 0.67 -5.61
C ALA B 341 45.25 0.18 -4.59
N LYS B 342 44.82 -0.65 -3.63
CA LYS B 342 45.73 -1.15 -2.60
C LYS B 342 46.61 -2.29 -3.12
N PHE B 343 46.36 -2.71 -4.35
CA PHE B 343 47.15 -3.77 -4.97
C PHE B 343 48.25 -3.26 -5.90
N TYR B 344 48.43 -1.96 -5.91
CA TYR B 344 49.53 -1.34 -6.66
C TYR B 344 50.85 -1.65 -6.00
N ASN B 345 51.83 -2.07 -6.81
CA ASN B 345 53.15 -2.38 -6.30
C ASN B 345 54.18 -2.19 -7.40
N ASN B 346 54.97 -1.12 -7.28
CA ASN B 346 56.12 -0.91 -8.15
C ASN B 346 55.81 -0.95 -9.64
N GLY B 347 54.75 -0.26 -10.05
CA GLY B 347 54.40 -0.15 -11.45
C GLY B 347 53.48 -1.24 -11.97
N PHE B 348 53.05 -2.14 -11.09
CA PHE B 348 52.18 -3.24 -11.53
C PHE B 348 51.12 -3.57 -10.49
N VAL B 349 50.12 -4.34 -10.91
CA VAL B 349 49.14 -4.86 -9.98
C VAL B 349 49.67 -6.18 -9.43
N ASP B 350 49.63 -6.33 -8.11
CA ASP B 350 50.08 -7.56 -7.47
C ASP B 350 49.04 -8.64 -7.67
N LEU B 351 49.18 -9.38 -8.76
CA LEU B 351 48.21 -10.43 -9.09
C LEU B 351 48.32 -11.63 -8.16
N GLU B 352 49.49 -11.82 -7.54
CA GLU B 352 49.64 -12.90 -6.58
C GLU B 352 48.69 -12.68 -5.40
N ALA B 353 48.78 -11.50 -4.80
CA ALA B 353 47.96 -11.15 -3.67
C ALA B 353 46.49 -11.06 -4.08
N LEU B 354 46.23 -10.53 -5.28
CA LEU B 354 44.86 -10.32 -5.72
C LEU B 354 44.11 -11.64 -5.89
N GLN B 355 44.76 -12.61 -6.54
CA GLN B 355 44.15 -13.92 -6.68
C GLN B 355 43.74 -14.50 -5.32
N GLU B 356 44.63 -14.40 -4.32
CA GLU B 356 44.31 -14.87 -2.97
C GLU B 356 43.06 -14.17 -2.42
N LEU B 357 43.01 -12.85 -2.57
CA LEU B 357 41.86 -12.12 -2.03
C LEU B 357 40.54 -12.44 -2.76
N VAL B 358 40.60 -12.59 -4.07
CA VAL B 358 39.42 -13.00 -4.80
C VAL B 358 38.84 -14.31 -4.25
N GLN B 359 39.72 -15.26 -3.94
CA GLN B 359 39.30 -16.55 -3.37
C GLN B 359 38.61 -16.38 -2.01
N ILE B 360 39.19 -15.51 -1.18
CA ILE B 360 38.66 -15.27 0.14
C ILE B 360 37.35 -14.51 0.03
N ALA B 361 37.32 -13.55 -0.88
CA ALA B 361 36.14 -12.70 -1.04
C ALA B 361 34.92 -13.49 -1.49
N VAL B 362 35.12 -14.40 -2.43
CA VAL B 362 34.01 -15.23 -2.90
C VAL B 362 33.49 -16.12 -1.77
N ARG B 363 34.38 -16.69 -0.99
CA ARG B 363 33.95 -17.50 0.15
C ARG B 363 33.18 -16.64 1.15
N PHE B 364 33.69 -15.45 1.42
CA PHE B 364 33.02 -14.54 2.35
C PHE B 364 31.57 -14.24 1.88
N LEU B 365 31.42 -13.82 0.62
CA LEU B 365 30.09 -13.46 0.09
C LEU B 365 29.14 -14.65 0.08
N ASP B 366 29.66 -15.82 -0.27
CA ASP B 366 28.87 -17.04 -0.23
C ASP B 366 28.45 -17.42 1.20
N ASN B 367 29.33 -17.19 2.18
CA ASN B 367 28.97 -17.39 3.58
C ASN B 367 27.86 -16.45 4.04
N VAL B 368 27.87 -15.23 3.51
CA VAL B 368 26.85 -14.25 3.88
C VAL B 368 25.45 -14.80 3.63
N ILE B 369 25.26 -15.49 2.51
CA ILE B 369 23.99 -16.13 2.23
C ILE B 369 23.48 -16.99 3.39
N ASP B 370 24.37 -17.77 4.00
CA ASP B 370 24.00 -18.68 5.08
C ASP B 370 23.61 -18.01 6.38
N VAL B 371 24.10 -16.80 6.62
CA VAL B 371 23.77 -16.12 7.87
C VAL B 371 22.80 -14.97 7.65
N ASN B 372 22.45 -14.73 6.39
CA ASN B 372 21.43 -13.76 6.01
C ASN B 372 20.02 -14.16 6.45
N VAL B 373 19.23 -13.19 6.88
CA VAL B 373 17.81 -13.43 7.19
C VAL B 373 16.96 -12.49 6.36
N PHE B 374 16.05 -13.04 5.55
CA PHE B 374 15.14 -12.21 4.74
C PHE B 374 13.75 -12.08 5.37
N PRO B 375 13.03 -10.98 5.05
CA PRO B 375 11.70 -10.74 5.61
C PRO B 375 10.58 -11.48 4.89
N ILE B 376 10.90 -12.25 3.86
CA ILE B 376 9.89 -12.85 2.99
C ILE B 376 10.36 -14.23 2.54
N ASP B 377 9.54 -15.25 2.78
CA ASP B 377 9.97 -16.63 2.51
C ASP B 377 10.32 -16.89 1.04
N LYS B 378 9.61 -16.26 0.12
CA LYS B 378 9.89 -16.49 -1.30
C LYS B 378 11.29 -16.03 -1.67
N ILE B 379 11.75 -14.96 -1.01
CA ILE B 379 13.11 -14.48 -1.23
C ILE B 379 14.12 -15.48 -0.67
N THR B 380 13.92 -15.90 0.57
CA THR B 380 14.82 -16.89 1.17
C THR B 380 15.03 -18.07 0.23
N LYS B 381 13.94 -18.54 -0.37
CA LYS B 381 14.00 -19.68 -1.28
C LYS B 381 14.73 -19.39 -2.59
N ALA B 382 14.39 -18.27 -3.22
CA ALA B 382 15.05 -17.91 -4.48
C ALA B 382 16.57 -17.82 -4.29
N VAL B 383 16.99 -17.24 -3.17
CA VAL B 383 18.42 -17.04 -2.92
C VAL B 383 19.10 -18.39 -2.64
N LYS B 384 18.45 -19.25 -1.87
CA LYS B 384 19.02 -20.55 -1.57
C LYS B 384 19.23 -21.41 -2.83
N GLU B 385 18.33 -21.26 -3.79
CA GLU B 385 18.38 -22.09 -4.99
C GLU B 385 19.42 -21.66 -6.02
N SER B 386 19.75 -20.36 -6.03
CA SER B 386 20.69 -19.80 -7.01
C SER B 386 22.04 -19.38 -6.43
N ARG B 387 22.03 -18.82 -5.21
CA ARG B 387 23.27 -18.34 -4.56
C ARG B 387 24.04 -17.35 -5.44
N ARG B 388 23.33 -16.38 -6.03
CA ARG B 388 23.98 -15.33 -6.80
C ARG B 388 24.83 -14.41 -5.91
N LEU B 389 26.06 -14.13 -6.33
CA LEU B 389 26.90 -13.18 -5.60
C LEU B 389 27.25 -11.98 -6.45
N GLY B 390 27.65 -10.90 -5.80
CA GLY B 390 28.08 -9.71 -6.51
C GLY B 390 29.42 -9.17 -6.07
N LEU B 391 30.50 -9.89 -6.40
CA LEU B 391 31.85 -9.41 -6.11
C LEU B 391 32.28 -8.36 -7.12
N GLY B 392 32.69 -7.19 -6.64
CA GLY B 392 33.16 -6.15 -7.53
C GLY B 392 34.47 -5.53 -7.11
N ILE B 393 34.76 -4.37 -7.70
CA ILE B 393 35.96 -3.62 -7.36
C ILE B 393 35.60 -2.18 -7.11
N MET B 394 36.47 -1.53 -6.36
CA MET B 394 36.46 -0.09 -6.20
C MET B 394 37.92 0.34 -6.30
N GLY B 395 38.19 1.64 -6.28
CA GLY B 395 39.57 2.10 -6.33
C GLY B 395 40.21 2.05 -7.71
N PHE B 396 39.41 1.75 -8.73
CA PHE B 396 39.98 1.56 -10.07
C PHE B 396 40.60 2.86 -10.60
N ALA B 397 39.91 3.98 -10.45
CA ALA B 397 40.45 5.26 -10.92
C ALA B 397 41.78 5.62 -10.25
N ASP B 398 41.87 5.36 -8.95
CA ASP B 398 43.09 5.66 -8.23
C ASP B 398 44.21 4.71 -8.63
N LEU B 399 43.85 3.48 -8.95
CA LEU B 399 44.85 2.52 -9.43
C LEU B 399 45.46 3.01 -10.74
N LEU B 400 44.62 3.51 -11.64
CA LEU B 400 45.13 4.08 -12.89
C LEU B 400 46.08 5.27 -12.62
N TYR B 401 45.69 6.12 -11.66
CA TYR B 401 46.56 7.23 -11.27
C TYR B 401 47.96 6.74 -10.90
N LYS B 402 48.04 5.69 -10.07
CA LYS B 402 49.30 5.18 -9.59
C LYS B 402 50.11 4.54 -10.71
N LEU B 403 49.39 3.91 -11.64
CA LEU B 403 50.01 3.30 -12.82
C LEU B 403 50.35 4.32 -13.91
N GLU B 404 49.96 5.57 -13.67
CA GLU B 404 50.17 6.66 -14.63
C GLU B 404 49.51 6.39 -15.98
N ILE B 405 48.29 5.88 -15.93
CA ILE B 405 47.51 5.59 -17.12
C ILE B 405 46.28 6.49 -17.15
N PRO B 406 46.10 7.24 -18.26
CA PRO B 406 44.90 8.09 -18.38
C PRO B 406 43.65 7.25 -18.56
N TYR B 407 42.61 7.57 -17.82
CA TYR B 407 41.37 6.81 -17.86
C TYR B 407 40.80 6.81 -19.28
N ASN B 408 40.89 7.95 -19.96
CA ASN B 408 40.39 8.09 -21.34
C ASN B 408 41.43 7.69 -22.38
N SER B 409 41.74 6.39 -22.44
CA SER B 409 42.71 5.86 -23.40
C SER B 409 42.44 4.38 -23.63
N GLN B 410 42.82 3.88 -24.80
CA GLN B 410 42.72 2.46 -25.06
C GLN B 410 43.58 1.65 -24.07
N GLU B 411 44.72 2.21 -23.67
CA GLU B 411 45.57 1.53 -22.70
C GLU B 411 44.78 1.21 -21.42
N ALA B 412 44.06 2.19 -20.90
CA ALA B 412 43.30 1.96 -19.68
C ALA B 412 42.21 0.91 -19.87
N ARG B 413 41.58 0.92 -21.04
CA ARG B 413 40.50 -0.01 -21.31
C ARG B 413 41.01 -1.44 -21.50
N ASP B 414 42.15 -1.58 -22.17
CA ASP B 414 42.81 -2.89 -22.29
C ASP B 414 43.21 -3.36 -20.89
N PHE B 415 43.72 -2.45 -20.09
CA PHE B 415 44.10 -2.79 -18.72
C PHE B 415 42.88 -3.27 -17.93
N ALA B 416 41.77 -2.52 -18.04
CA ALA B 416 40.53 -2.86 -17.34
C ALA B 416 40.01 -4.25 -17.71
N ALA B 417 40.01 -4.56 -19.00
CA ALA B 417 39.51 -5.84 -19.47
C ALA B 417 40.34 -6.99 -18.89
N ASN B 418 41.66 -6.84 -18.90
CA ASN B 418 42.57 -7.89 -18.41
C ASN B 418 42.43 -8.09 -16.91
N LEU B 419 42.28 -6.99 -16.19
CA LEU B 419 42.09 -7.04 -14.75
C LEU B 419 40.79 -7.74 -14.39
N MET B 420 39.70 -7.32 -15.05
CA MET B 420 38.40 -7.90 -14.76
C MET B 420 38.37 -9.35 -15.24
N ALA B 421 39.03 -9.66 -16.36
CA ALA B 421 39.13 -11.05 -16.81
C ALA B 421 39.83 -11.92 -15.76
N PHE B 422 40.92 -11.41 -15.18
CA PHE B 422 41.68 -12.13 -14.17
C PHE B 422 40.80 -12.37 -12.95
N ILE B 423 40.14 -11.33 -12.49
CA ILE B 423 39.24 -11.49 -11.35
C ILE B 423 38.12 -12.51 -11.64
N ALA B 424 37.51 -12.44 -12.83
CA ALA B 424 36.44 -13.40 -13.18
C ALA B 424 36.92 -14.84 -13.20
N LEU B 425 38.11 -15.04 -13.75
CA LEU B 425 38.74 -16.35 -13.81
C LEU B 425 38.84 -16.97 -12.42
N HIS B 426 39.40 -16.23 -11.49
CA HIS B 426 39.64 -16.76 -10.16
C HIS B 426 38.40 -16.84 -9.30
N ALA B 427 37.45 -15.92 -9.53
CA ALA B 427 36.18 -16.00 -8.81
C ALA B 427 35.42 -17.25 -9.22
N HIS B 428 35.36 -17.49 -10.53
CA HIS B 428 34.64 -18.66 -11.01
C HIS B 428 35.36 -19.97 -10.64
N ARG B 429 36.69 -19.94 -10.63
CA ARG B 429 37.46 -21.10 -10.15
C ARG B 429 37.12 -21.38 -8.68
N THR B 430 37.02 -20.32 -7.88
CA THR B 430 36.61 -20.46 -6.48
C THR B 430 35.20 -21.04 -6.31
N SER B 431 34.29 -20.68 -7.21
CA SER B 431 32.91 -21.18 -7.14
C SER B 431 32.91 -22.67 -7.46
N TYR B 432 33.78 -23.08 -8.37
CA TYR B 432 33.98 -24.51 -8.63
C TYR B 432 34.45 -25.22 -7.35
N GLU B 433 35.50 -24.71 -6.73
CA GLU B 433 36.07 -25.34 -5.55
C GLU B 433 35.05 -25.41 -4.41
N LEU B 434 34.25 -24.35 -4.28
CA LEU B 434 33.25 -24.27 -3.23
C LEU B 434 32.08 -25.23 -3.47
N GLY B 435 31.73 -25.45 -4.73
CA GLY B 435 30.70 -26.41 -5.06
C GLY B 435 31.15 -27.81 -4.67
N LYS B 436 32.42 -28.09 -4.93
CA LYS B 436 33.01 -29.38 -4.59
C LYS B 436 33.02 -29.59 -3.07
N GLU B 437 33.33 -28.52 -2.34
CA GLU B 437 33.50 -28.60 -0.89
C GLU B 437 32.19 -28.59 -0.11
N LYS B 438 31.26 -27.72 -0.52
CA LYS B 438 30.04 -27.51 0.26
C LYS B 438 28.77 -27.98 -0.43
N GLY B 439 28.85 -28.20 -1.74
CA GLY B 439 27.67 -28.56 -2.51
C GLY B 439 27.37 -27.53 -3.59
N ASN B 440 26.84 -27.99 -4.71
CA ASN B 440 26.48 -27.10 -5.82
C ASN B 440 25.21 -26.34 -5.52
N PHE B 441 25.03 -25.19 -6.17
CA PHE B 441 23.75 -24.51 -6.04
C PHE B 441 22.67 -25.42 -6.63
N PRO B 442 21.55 -25.55 -5.91
CA PRO B 442 20.50 -26.52 -6.24
C PRO B 442 20.07 -26.52 -7.70
N LEU B 443 20.10 -25.37 -8.35
CA LEU B 443 19.66 -25.28 -9.74
C LEU B 443 20.76 -25.52 -10.80
N LEU B 444 21.95 -25.96 -10.38
CA LEU B 444 23.03 -26.19 -11.35
C LEU B 444 22.53 -27.05 -12.51
N GLU B 445 21.85 -28.14 -12.17
CA GLU B 445 21.52 -29.18 -13.15
C GLU B 445 20.60 -28.69 -14.25
N ILE B 446 19.79 -27.68 -13.96
CA ILE B 446 18.88 -27.16 -14.97
C ILE B 446 19.44 -25.91 -15.64
N SER B 447 20.67 -25.54 -15.28
CA SER B 447 21.27 -24.33 -15.83
C SER B 447 22.11 -24.63 -17.06
N ARG B 448 22.49 -23.58 -17.78
CA ARG B 448 23.24 -23.72 -19.00
C ARG B 448 24.68 -24.17 -18.79
N TYR B 449 25.19 -24.05 -17.57
CA TYR B 449 26.51 -24.61 -17.28
C TYR B 449 26.46 -26.13 -17.46
N ARG B 450 25.26 -26.71 -17.30
CA ARG B 450 25.07 -28.15 -17.36
C ARG B 450 24.45 -28.64 -18.68
N THR B 451 23.41 -27.95 -19.14
CA THR B 451 22.63 -28.45 -20.27
C THR B 451 23.22 -28.05 -21.62
N GLU B 452 24.35 -27.36 -21.58
CA GLU B 452 24.87 -26.76 -22.78
C GLU B 452 26.37 -26.89 -22.83
N ASP B 453 26.92 -26.86 -24.04
CA ASP B 453 28.36 -26.81 -24.21
C ASP B 453 28.79 -25.38 -24.54
N ASN B 454 29.92 -24.97 -23.98
CA ASN B 454 30.51 -23.69 -24.30
C ASN B 454 29.74 -22.46 -23.82
N PHE B 455 28.85 -22.64 -22.84
CA PHE B 455 28.20 -21.48 -22.24
C PHE B 455 29.18 -20.67 -21.38
N VAL B 456 29.22 -19.37 -21.62
CA VAL B 456 30.05 -18.45 -20.84
C VAL B 456 29.14 -17.24 -20.52
N PRO B 457 29.06 -16.84 -19.24
CA PRO B 457 28.10 -15.80 -18.83
C PRO B 457 28.53 -14.36 -19.12
N PHE B 458 29.45 -14.16 -20.06
CA PHE B 458 29.80 -12.82 -20.52
C PHE B 458 30.49 -12.89 -21.89
N ALA B 459 30.68 -11.73 -22.52
CA ALA B 459 31.09 -11.68 -23.94
C ALA B 459 32.58 -11.95 -24.17
N MET B 460 33.39 -11.57 -23.20
CA MET B 460 34.86 -11.68 -23.35
C MET B 460 35.34 -10.92 -24.60
N GLY B 461 36.45 -11.32 -25.20
CA GLY B 461 36.92 -10.69 -26.42
C GLY B 461 37.99 -9.61 -26.29
N MET B 462 38.46 -9.34 -25.07
CA MET B 462 39.50 -8.33 -24.88
C MET B 462 40.55 -8.76 -23.87
N SER B 463 40.88 -10.05 -23.85
CA SER B 463 41.91 -10.51 -22.93
C SER B 463 42.50 -11.84 -23.36
N ASN B 464 43.76 -12.07 -23.00
CA ASN B 464 44.40 -13.35 -23.27
C ASN B 464 43.98 -14.43 -22.28
N TYR B 465 43.18 -14.05 -21.27
CA TYR B 465 42.67 -15.01 -20.28
C TYR B 465 41.47 -15.78 -20.81
N ASP B 466 40.98 -15.41 -21.98
CA ASP B 466 39.75 -16.00 -22.51
C ASP B 466 39.77 -17.53 -22.57
N ASP B 467 40.84 -18.11 -23.08
CA ASP B 467 40.88 -19.57 -23.17
C ASP B 467 40.82 -20.22 -21.79
N GLU B 468 41.52 -19.64 -20.82
CA GLU B 468 41.52 -20.21 -19.48
C GLU B 468 40.16 -20.05 -18.84
N ILE B 469 39.49 -18.96 -19.16
CA ILE B 469 38.13 -18.76 -18.65
C ILE B 469 37.20 -19.82 -19.25
N ARG B 470 37.30 -20.06 -20.55
CA ARG B 470 36.48 -21.09 -21.18
C ARG B 470 36.66 -22.44 -20.49
N GLU B 471 37.90 -22.82 -20.24
CA GLU B 471 38.20 -24.07 -19.52
C GLU B 471 37.49 -24.14 -18.16
N VAL B 472 37.58 -23.06 -17.39
CA VAL B 472 36.96 -23.07 -16.06
C VAL B 472 35.43 -23.15 -16.15
N MET B 473 34.85 -22.47 -17.12
CA MET B 473 33.41 -22.60 -17.31
C MET B 473 33.01 -24.03 -17.61
N LYS B 474 33.84 -24.74 -18.38
CA LYS B 474 33.57 -26.15 -18.67
C LYS B 474 33.61 -26.97 -17.38
N MET B 475 34.62 -26.72 -16.56
CA MET B 475 34.75 -27.41 -15.28
C MET B 475 33.51 -27.25 -14.40
N THR B 476 32.90 -26.07 -14.42
CA THR B 476 31.76 -25.78 -13.56
C THR B 476 30.46 -26.48 -14.01
N LYS B 477 30.53 -27.24 -15.09
CA LYS B 477 29.44 -28.14 -15.43
C LYS B 477 29.22 -29.13 -14.29
N GLU B 478 30.31 -29.54 -13.66
CA GLU B 478 30.27 -30.57 -12.63
C GLU B 478 30.13 -29.99 -11.21
N PHE B 479 30.91 -28.95 -10.92
CA PHE B 479 30.83 -28.29 -9.62
C PHE B 479 30.73 -26.78 -9.77
N ARG B 480 29.77 -26.18 -9.09
CA ARG B 480 29.58 -24.73 -9.11
C ARG B 480 28.70 -24.34 -7.93
N ARG B 481 29.23 -23.47 -7.07
CA ARG B 481 28.51 -23.06 -5.86
C ARG B 481 27.48 -21.97 -6.14
N ASN B 482 27.72 -21.20 -7.21
CA ASN B 482 26.98 -19.96 -7.46
C ASN B 482 26.56 -19.79 -8.90
N VAL B 483 25.34 -19.29 -9.13
CA VAL B 483 24.85 -19.08 -10.49
C VAL B 483 25.64 -17.98 -11.24
N ALA B 484 26.08 -16.96 -10.50
CA ALA B 484 26.86 -15.85 -11.06
C ALA B 484 27.58 -15.19 -9.90
N LEU B 485 28.66 -14.43 -10.17
CA LEU B 485 29.54 -14.02 -9.08
C LEU B 485 29.98 -12.55 -9.05
N LEU B 486 29.81 -11.83 -10.15
CA LEU B 486 30.52 -10.55 -10.31
C LEU B 486 29.61 -9.38 -10.65
N THR B 487 30.01 -8.21 -10.21
CA THR B 487 29.30 -7.01 -10.61
C THR B 487 30.27 -5.85 -10.42
N ILE B 488 29.87 -4.66 -10.81
CA ILE B 488 30.58 -3.47 -10.32
C ILE B 488 29.52 -2.51 -9.82
N ALA B 489 29.61 -2.18 -8.54
CA ALA B 489 28.56 -1.42 -7.86
C ALA B 489 29.01 0.03 -7.78
N PRO B 490 28.10 0.94 -7.41
CA PRO B 490 28.55 2.32 -7.19
C PRO B 490 29.54 2.46 -6.04
N THR B 491 29.45 1.57 -5.06
CA THR B 491 30.20 1.67 -3.80
C THR B 491 30.13 3.07 -3.20
N GLY B 492 28.95 3.69 -3.28
CA GLY B 492 28.76 5.05 -2.80
C GLY B 492 29.18 5.29 -1.35
N SER B 493 29.04 4.28 -0.51
CA SER B 493 29.45 4.42 0.89
C SER B 493 30.74 3.68 1.22
N ILE B 494 30.85 2.44 0.75
CA ILE B 494 31.99 1.64 1.18
C ILE B 494 33.30 2.13 0.55
N SER B 495 33.24 2.83 -0.57
CA SER B 495 34.48 3.39 -1.15
C SER B 495 34.96 4.56 -0.28
N ASN B 496 34.03 5.24 0.38
CA ASN B 496 34.42 6.29 1.31
C ASN B 496 35.02 5.72 2.60
N ILE B 497 34.47 4.60 3.07
CA ILE B 497 35.03 3.92 4.24
C ILE B 497 36.43 3.43 3.93
N ALA B 498 36.65 2.99 2.69
CA ALA B 498 37.97 2.52 2.26
C ALA B 498 38.94 3.62 1.78
N ASP B 499 38.48 4.87 1.76
CA ASP B 499 39.34 5.99 1.36
C ASP B 499 39.87 5.78 -0.06
N THR B 500 38.98 5.47 -0.98
CA THR B 500 39.42 5.14 -2.35
C THR B 500 38.36 5.57 -3.35
N SER B 501 38.71 5.53 -4.63
CA SER B 501 37.75 5.94 -5.68
C SER B 501 36.58 4.97 -5.80
N SER B 502 35.46 5.42 -6.37
CA SER B 502 34.24 4.63 -6.31
C SER B 502 34.07 3.70 -7.50
N GLY B 503 33.89 2.40 -7.23
CA GLY B 503 33.67 1.43 -8.28
C GLY B 503 34.65 1.54 -9.45
N LEU B 504 34.11 1.55 -10.68
CA LEU B 504 34.96 1.76 -11.86
C LEU B 504 34.99 3.22 -12.31
N GLU B 505 34.31 4.09 -11.58
CA GLU B 505 34.17 5.48 -12.01
C GLU B 505 35.47 6.26 -11.90
N PRO B 506 35.71 7.16 -12.85
CA PRO B 506 36.83 8.08 -12.66
C PRO B 506 36.51 8.93 -11.44
N ASN B 507 37.52 9.51 -10.79
CA ASN B 507 37.22 10.47 -9.73
C ASN B 507 36.37 11.61 -10.30
N PHE B 508 35.35 12.05 -9.56
CA PHE B 508 34.58 13.17 -10.08
C PHE B 508 35.34 14.48 -9.90
N LEU B 509 36.07 14.58 -8.80
CA LEU B 509 36.87 15.77 -8.51
C LEU B 509 38.18 15.37 -7.81
N LEU B 510 39.22 16.14 -8.07
CA LEU B 510 40.52 15.92 -7.41
C LEU B 510 40.62 16.67 -6.07
N ALA B 511 39.77 17.67 -5.88
CA ALA B 511 39.75 18.45 -4.64
C ALA B 511 38.35 19.06 -4.45
N TYR B 512 37.73 18.79 -3.30
CA TYR B 512 36.33 19.20 -3.08
C TYR B 512 35.87 19.21 -1.63
N THR B 513 34.55 19.22 -1.46
CA THR B 513 33.91 19.22 -0.15
C THR B 513 32.51 18.58 -0.22
N ARG B 514 32.25 17.62 0.67
CA ARG B 514 30.95 16.96 0.76
C ARG B 514 30.29 17.27 2.09
N PHE B 515 28.97 17.13 2.16
CA PHE B 515 28.23 17.43 3.39
C PHE B 515 27.63 16.21 4.07
N LEU B 526 33.76 17.10 5.15
CA LEU B 526 34.15 18.38 4.55
C LEU B 526 35.15 18.17 3.41
N LEU B 527 36.42 18.41 3.70
CA LEU B 527 37.45 18.58 2.69
C LEU B 527 38.08 17.24 2.28
N TYR B 528 37.99 16.91 0.99
CA TYR B 528 38.63 15.73 0.41
C TYR B 528 39.64 16.18 -0.64
N VAL B 529 40.85 15.64 -0.63
CA VAL B 529 41.83 15.94 -1.68
C VAL B 529 42.61 14.70 -2.11
N ASN B 530 42.66 14.44 -3.41
CA ASN B 530 43.13 13.14 -3.89
C ASN B 530 44.53 12.78 -3.42
N GLN B 531 44.60 11.68 -2.66
CA GLN B 531 45.86 11.27 -2.04
C GLN B 531 46.94 10.93 -3.07
N VAL B 532 46.54 10.37 -4.20
CA VAL B 532 47.52 10.01 -5.21
C VAL B 532 48.10 11.25 -5.88
N LEU B 533 47.29 12.30 -6.04
CA LEU B 533 47.80 13.54 -6.61
C LEU B 533 48.73 14.24 -5.61
N ARG B 534 48.42 14.16 -4.32
CA ARG B 534 49.30 14.72 -3.30
C ARG B 534 50.69 14.13 -3.43
N GLU B 535 50.75 12.82 -3.67
CA GLU B 535 52.02 12.10 -3.72
C GLU B 535 52.79 12.32 -5.01
N LYS B 536 52.09 12.65 -6.09
CA LYS B 536 52.77 12.91 -7.37
C LYS B 536 53.14 14.36 -7.57
N LEU B 537 52.15 15.24 -7.44
CA LEU B 537 52.35 16.66 -7.66
C LEU B 537 53.27 17.28 -6.61
N ASN B 538 54.24 18.06 -7.06
CA ASN B 538 55.13 18.77 -6.14
C ASN B 538 54.39 19.82 -5.33
N PRO B 539 54.49 19.74 -3.99
CA PRO B 539 53.76 20.59 -3.05
C PRO B 539 53.82 22.08 -3.37
N GLU B 540 54.86 22.51 -4.08
CA GLU B 540 54.97 23.89 -4.49
C GLU B 540 53.90 24.21 -5.53
N ILE B 541 53.94 23.48 -6.65
CA ILE B 541 52.97 23.66 -7.72
C ILE B 541 51.56 23.26 -7.28
N LEU B 542 51.46 22.58 -6.13
CA LEU B 542 50.15 22.20 -5.60
C LEU B 542 49.51 23.31 -4.77
N LYS B 543 50.26 23.89 -3.84
CA LYS B 543 49.77 25.01 -3.05
C LYS B 543 49.23 26.06 -4.00
N ARG B 544 50.03 26.39 -5.00
CA ARG B 544 49.56 27.16 -6.13
C ARG B 544 48.65 26.24 -6.95
N ILE B 545 47.70 26.83 -7.67
CA ILE B 545 46.69 26.08 -8.46
C ILE B 545 45.59 25.46 -7.61
N GLU B 546 45.88 25.17 -6.33
CA GLU B 546 44.91 24.56 -5.44
C GLU B 546 43.55 25.25 -5.53
N LYS B 547 43.55 26.57 -5.34
CA LYS B 547 42.33 27.35 -5.40
C LYS B 547 41.68 27.21 -6.77
N GLU B 548 42.48 27.45 -7.81
CA GLU B 548 42.00 27.37 -9.19
C GLU B 548 41.35 26.01 -9.48
N LEU B 549 41.98 24.94 -8.97
CA LEU B 549 41.52 23.57 -9.16
C LEU B 549 40.13 23.33 -8.56
N ILE B 550 39.90 23.85 -7.36
CA ILE B 550 38.61 23.67 -6.70
C ILE B 550 37.53 24.51 -7.38
N GLU B 551 37.95 25.55 -8.09
CA GLU B 551 37.03 26.45 -8.77
C GLU B 551 36.71 25.99 -10.19
N LYS B 552 37.71 25.45 -10.88
CA LYS B 552 37.51 24.95 -12.23
C LYS B 552 37.08 23.49 -12.26
N GLY B 553 37.41 22.75 -11.20
CA GLY B 553 37.02 21.36 -11.08
C GLY B 553 37.81 20.42 -11.98
N SER B 554 38.91 20.92 -12.52
CA SER B 554 39.81 20.14 -13.39
C SER B 554 41.21 20.79 -13.43
N LEU B 555 42.18 20.05 -13.95
CA LEU B 555 43.53 20.57 -14.19
C LEU B 555 43.67 21.04 -15.64
N LYS B 556 42.71 20.65 -16.48
CA LYS B 556 42.83 20.78 -17.94
C LYS B 556 43.48 22.08 -18.40
N ASP B 557 42.86 23.22 -18.07
CA ASP B 557 43.45 24.50 -18.44
C ASP B 557 43.87 25.33 -17.24
N ILE B 558 44.64 24.70 -16.35
CA ILE B 558 45.42 25.43 -15.36
C ILE B 558 46.84 25.51 -15.91
N PRO B 559 47.26 26.72 -16.31
CA PRO B 559 48.61 26.90 -16.86
C PRO B 559 49.66 26.37 -15.90
N ASP B 560 50.86 26.07 -16.41
CA ASP B 560 51.99 25.70 -15.57
C ASP B 560 51.75 24.45 -14.72
N VAL B 561 50.98 23.51 -15.24
CA VAL B 561 50.89 22.18 -14.65
C VAL B 561 51.41 21.18 -15.68
N PRO B 562 52.36 20.32 -15.27
CA PRO B 562 53.02 19.43 -16.23
C PRO B 562 51.99 18.67 -17.07
N GLU B 563 52.20 18.65 -18.38
CA GLU B 563 51.32 17.94 -19.29
C GLU B 563 51.14 16.49 -18.85
N LYS B 564 52.20 15.90 -18.32
CA LYS B 564 52.15 14.52 -17.83
C LYS B 564 51.10 14.34 -16.73
N ILE B 565 51.06 15.29 -15.81
CA ILE B 565 50.10 15.23 -14.71
C ILE B 565 48.68 15.42 -15.21
N LYS B 566 48.50 16.36 -16.13
CA LYS B 566 47.18 16.66 -16.68
C LYS B 566 46.54 15.45 -17.34
N LYS B 567 47.34 14.71 -18.10
CA LYS B 567 46.82 13.58 -18.86
C LYS B 567 46.46 12.39 -17.96
N VAL B 568 47.25 12.19 -16.91
CA VAL B 568 46.98 11.10 -15.97
C VAL B 568 45.81 11.44 -15.05
N PHE B 569 45.89 12.60 -14.39
CA PHE B 569 44.91 12.97 -13.39
C PHE B 569 43.66 13.64 -13.99
N VAL B 570 42.98 12.88 -14.84
CA VAL B 570 41.70 13.31 -15.39
C VAL B 570 40.54 12.96 -14.45
N VAL B 571 39.53 13.83 -14.46
CA VAL B 571 38.32 13.64 -13.67
C VAL B 571 37.15 13.37 -14.62
N ALA B 572 35.99 13.02 -14.05
CA ALA B 572 34.87 12.55 -14.87
C ALA B 572 34.58 13.43 -16.09
N LEU B 573 34.50 14.74 -15.90
CA LEU B 573 34.12 15.62 -16.99
C LEU B 573 35.25 15.95 -17.97
N ASP B 574 36.48 15.50 -17.66
CA ASP B 574 37.60 15.55 -18.61
C ASP B 574 37.48 14.44 -19.65
N ILE B 575 36.65 13.46 -19.35
CA ILE B 575 36.60 12.22 -20.11
C ILE B 575 35.35 12.23 -20.95
N ASP B 576 35.49 12.13 -22.27
CA ASP B 576 34.31 12.29 -23.13
C ASP B 576 33.33 11.11 -23.01
N PRO B 577 32.06 11.35 -23.37
CA PRO B 577 31.02 10.34 -23.18
C PRO B 577 31.38 8.97 -23.77
N MET B 578 31.94 8.93 -24.97
CA MET B 578 32.32 7.65 -25.58
C MET B 578 33.41 6.90 -24.78
N ASP B 579 34.34 7.64 -24.19
CA ASP B 579 35.37 7.00 -23.38
C ASP B 579 34.79 6.46 -22.05
N HIS B 580 33.77 7.13 -21.53
CA HIS B 580 33.05 6.57 -20.39
C HIS B 580 32.40 5.25 -20.82
N LEU B 581 31.71 5.30 -21.96
CA LEU B 581 30.95 4.15 -22.47
C LEU B 581 31.85 2.94 -22.78
N LEU B 582 32.97 3.18 -23.46
CA LEU B 582 33.87 2.11 -23.85
C LEU B 582 34.55 1.47 -22.64
N MET B 583 34.76 2.25 -21.59
CA MET B 583 35.26 1.66 -20.36
C MET B 583 34.21 0.72 -19.75
N GLN B 584 32.94 1.11 -19.78
CA GLN B 584 31.89 0.22 -19.29
C GLN B 584 31.89 -1.09 -20.10
N ASP B 585 32.08 -0.97 -21.42
CA ASP B 585 32.11 -2.15 -22.27
C ASP B 585 33.28 -3.08 -21.92
N ALA B 586 34.45 -2.48 -21.70
CA ALA B 586 35.64 -3.28 -21.36
C ALA B 586 35.40 -4.15 -20.13
N PHE B 587 34.80 -3.56 -19.09
CA PHE B 587 34.48 -4.32 -17.89
C PHE B 587 33.33 -5.31 -18.12
N GLN B 588 32.28 -4.91 -18.82
CA GLN B 588 31.09 -5.77 -18.91
C GLN B 588 31.41 -7.07 -19.63
N ARG B 589 32.44 -7.05 -20.47
CA ARG B 589 32.88 -8.26 -21.15
C ARG B 589 33.30 -9.37 -20.19
N TYR B 590 33.64 -9.00 -18.95
CA TYR B 590 34.07 -9.98 -17.96
C TYR B 590 33.29 -9.92 -16.65
N VAL B 591 32.05 -9.44 -16.73
CA VAL B 591 31.18 -9.38 -15.58
C VAL B 591 29.91 -10.17 -15.89
N ASP B 592 29.53 -11.10 -15.02
CA ASP B 592 28.37 -11.96 -15.30
C ASP B 592 27.03 -11.36 -14.87
N ASN B 593 27.06 -10.44 -13.90
CA ASN B 593 25.90 -9.58 -13.67
C ASN B 593 26.03 -8.29 -14.49
N ASN B 594 25.60 -7.16 -13.95
CA ASN B 594 25.75 -5.89 -14.66
C ASN B 594 26.74 -4.96 -13.99
N ILE B 595 26.68 -3.69 -14.40
CA ILE B 595 27.63 -2.67 -13.96
C ILE B 595 26.94 -1.31 -13.75
N SER B 596 27.20 -0.68 -12.61
CA SER B 596 26.76 0.71 -12.41
C SER B 596 27.79 1.68 -12.99
N LYS B 597 27.37 2.43 -14.01
CA LYS B 597 28.24 3.39 -14.67
C LYS B 597 27.41 4.59 -15.11
N THR B 598 27.78 5.77 -14.66
CA THR B 598 27.20 7.00 -15.19
C THR B 598 27.95 7.50 -16.41
N ILE B 599 27.25 7.71 -17.52
CA ILE B 599 27.91 8.33 -18.66
C ILE B 599 27.76 9.84 -18.50
N ASN B 600 28.78 10.48 -17.94
CA ASN B 600 28.79 11.93 -17.76
C ASN B 600 28.88 12.64 -19.10
N MET B 601 28.11 13.71 -19.25
CA MET B 601 28.17 14.49 -20.48
C MET B 601 28.35 15.97 -20.18
N PRO B 602 29.06 16.68 -21.06
CA PRO B 602 29.30 18.10 -20.84
C PRO B 602 28.00 18.87 -20.93
N GLN B 603 27.92 20.00 -20.25
CA GLN B 603 26.73 20.82 -20.26
C GLN B 603 26.35 21.20 -21.68
N SER B 604 27.36 21.30 -22.55
CA SER B 604 27.14 21.70 -23.93
C SER B 604 26.63 20.56 -24.83
N ALA B 605 26.48 19.37 -24.26
CA ALA B 605 25.97 18.23 -25.03
C ALA B 605 24.55 18.47 -25.54
N THR B 606 24.23 17.88 -26.69
CA THR B 606 22.92 18.01 -27.32
C THR B 606 22.10 16.74 -27.16
N VAL B 607 20.81 16.80 -27.49
CA VAL B 607 19.97 15.61 -27.46
C VAL B 607 20.50 14.56 -28.45
N ASP B 608 21.04 15.04 -29.58
CA ASP B 608 21.61 14.12 -30.56
C ASP B 608 22.87 13.44 -30.05
N ASP B 609 23.67 14.15 -29.26
CA ASP B 609 24.84 13.52 -28.62
C ASP B 609 24.40 12.37 -27.72
N VAL B 610 23.28 12.54 -27.02
CA VAL B 610 22.73 11.50 -26.18
C VAL B 610 22.28 10.30 -27.02
N LEU B 611 21.51 10.58 -28.07
CA LEU B 611 21.11 9.54 -29.02
C LEU B 611 22.32 8.77 -29.54
N ASN B 612 23.38 9.47 -29.89
CA ASN B 612 24.60 8.79 -30.35
C ASN B 612 25.19 7.86 -29.30
N VAL B 613 25.09 8.24 -28.03
CA VAL B 613 25.56 7.39 -26.94
C VAL B 613 24.74 6.10 -26.92
N TYR B 614 23.42 6.25 -27.10
CA TYR B 614 22.50 5.11 -27.10
C TYR B 614 22.79 4.13 -28.22
N LEU B 615 23.00 4.66 -29.43
CA LEU B 615 23.31 3.82 -30.58
C LEU B 615 24.64 3.10 -30.36
N GLU B 616 25.66 3.83 -29.91
CA GLU B 616 26.92 3.16 -29.63
C GLU B 616 26.76 2.10 -28.54
N ALA B 617 25.96 2.41 -27.52
CA ALA B 617 25.71 1.44 -26.46
C ALA B 617 25.09 0.16 -27.02
N LEU B 618 24.19 0.31 -27.99
CA LEU B 618 23.55 -0.84 -28.60
C LEU B 618 24.53 -1.76 -29.34
N ARG B 619 25.66 -1.21 -29.79
CA ARG B 619 26.67 -1.99 -30.50
C ARG B 619 27.69 -2.61 -29.55
N THR B 620 27.86 -2.00 -28.38
CA THR B 620 28.82 -2.53 -27.41
C THR B 620 28.19 -3.67 -26.62
N ASN B 621 28.91 -4.15 -25.61
CA ASN B 621 28.43 -5.25 -24.80
C ASN B 621 27.77 -4.80 -23.49
N VAL B 622 27.50 -3.51 -23.34
CA VAL B 622 26.88 -3.04 -22.11
C VAL B 622 25.45 -3.59 -21.95
N ARG B 623 25.02 -3.73 -20.69
CA ARG B 623 23.72 -4.31 -20.43
C ARG B 623 22.71 -3.26 -19.98
N GLY B 624 23.15 -2.00 -19.93
CA GLY B 624 22.26 -0.92 -19.55
C GLY B 624 23.01 0.39 -19.65
N ILE B 625 22.30 1.50 -19.56
CA ILE B 625 22.89 2.82 -19.73
C ILE B 625 22.25 3.83 -18.79
N THR B 626 23.08 4.65 -18.15
CA THR B 626 22.62 5.79 -17.38
C THR B 626 23.42 6.98 -17.86
N VAL B 627 22.77 8.09 -18.22
CA VAL B 627 23.53 9.27 -18.62
C VAL B 627 23.22 10.42 -17.67
N TYR B 628 24.23 11.26 -17.45
CA TYR B 628 23.97 12.47 -16.69
C TYR B 628 24.71 13.67 -17.27
N ARG B 629 23.93 14.67 -17.66
CA ARG B 629 24.50 15.85 -18.28
C ARG B 629 24.83 16.90 -17.23
N ASP B 630 26.09 17.30 -17.19
CA ASP B 630 26.55 18.31 -16.23
C ASP B 630 25.66 19.55 -16.31
N GLY B 631 25.25 20.07 -15.16
CA GLY B 631 24.40 21.25 -15.11
C GLY B 631 22.94 20.95 -15.41
N SER B 632 22.64 19.66 -15.57
CA SER B 632 21.28 19.23 -15.90
C SER B 632 20.28 19.68 -14.86
N LEU B 633 20.40 19.14 -13.65
CA LEU B 633 19.49 19.46 -12.57
C LEU B 633 19.81 20.82 -11.96
#